data_5SZO
#
_entry.id   5SZO
#
_cell.length_a   97.150
_cell.length_b   97.150
_cell.length_c   312.390
_cell.angle_alpha   90.00
_cell.angle_beta   90.00
_cell.angle_gamma   90.00
#
_symmetry.space_group_name_H-M   'P 41 21 2'
#
loop_
_entity.id
_entity.type
_entity.pdbx_description
1 polymer 'Protocadherin Gamma B7'
2 branched alpha-L-fucopyranose-(1-6)-2-acetamido-2-deoxy-beta-D-glucopyranose
3 non-polymer alpha-D-mannopyranose
4 non-polymer 'CALCIUM ION'
#
_entity_poly.entity_id   1
_entity_poly.type   'polypeptide(L)'
_entity_poly.pdbx_seq_one_letter_code
;QPVRYSIPEELDRGSVVGKLAKDLGLSVLEVSARKLRVSAEKLHFSVDSESGDLLVKDRIDREQICKGRRKCELQLEAVL
ENPLNIFHVVVEIEDVNDHAPQFPKDEINLEISESDSPGARTILESAKDLDIGMNSLSKYQLSPNDYFLLLVKDNPDGSK
YPELELQKMLDREAESTHHLMLTAVDGGDPPRTGTTQLRIRVVDANDNRPVFSQDVYRVRLPEDLPPGTTVLRLKAMDQD
EGINAEFTYSFLGVANKAQFSLDPITGDIVTRQSLDFEEVEQYTIDVEAKDRGSLSSQCKVIIEVLDENDNRPEIIITSL
SDQISEDSPSGTVVALFKVRDRDSGENAEVMCSLSGNNPFKIHSSSNNYYKLVTDSILDREQTPGYNVTITATDRGKPPL
SSSTTITLNVADVNDHHHHHHHH
;
_entity_poly.pdbx_strand_id   A,B
#
loop_
_chem_comp.id
_chem_comp.type
_chem_comp.name
_chem_comp.formula
CA non-polymer 'CALCIUM ION' 'Ca 2'
FUC L-saccharide, alpha linking alpha-L-fucopyranose 'C6 H12 O5'
MAN D-saccharide, alpha linking alpha-D-mannopyranose 'C6 H12 O6'
NAG D-saccharide, beta linking 2-acetamido-2-deoxy-beta-D-glucopyranose 'C8 H15 N O6'
#
# COMPACT_ATOMS: atom_id res chain seq x y z
N PRO A 2 -3.24 58.56 38.29
CA PRO A 2 -1.81 58.25 38.35
C PRO A 2 -1.05 58.64 37.08
N VAL A 3 0.12 59.26 37.24
CA VAL A 3 0.91 59.70 36.11
C VAL A 3 1.46 58.48 35.37
N ARG A 4 1.45 58.54 34.04
CA ARG A 4 1.85 57.43 33.19
C ARG A 4 3.04 57.84 32.32
N TYR A 5 3.98 56.91 32.15
CA TYR A 5 5.15 57.11 31.32
C TYR A 5 5.34 55.90 30.42
N SER A 6 6.13 56.07 29.36
CA SER A 6 6.41 55.00 28.41
C SER A 6 7.91 54.88 28.18
N ILE A 7 8.40 53.65 28.10
CA ILE A 7 9.83 53.40 27.93
C ILE A 7 10.03 52.07 27.20
N PRO A 8 10.90 52.02 26.19
CA PRO A 8 11.22 50.74 25.57
C PRO A 8 12.05 49.86 26.49
N GLU A 9 11.87 48.55 26.35
CA GLU A 9 12.53 47.60 27.22
C GLU A 9 14.04 47.57 26.95
N GLU A 10 14.75 46.84 27.80
CA GLU A 10 16.17 46.53 27.61
C GLU A 10 17.04 47.77 27.48
N LEU A 11 16.65 48.86 28.15
CA LEU A 11 17.44 50.09 28.08
C LEU A 11 18.64 50.00 29.01
N ASP A 12 19.65 50.82 28.70
CA ASP A 12 20.85 50.84 29.51
C ASP A 12 20.57 51.44 30.88
N ARG A 13 21.41 51.08 31.85
CA ARG A 13 21.24 51.58 33.20
C ARG A 13 21.57 53.07 33.26
N GLY A 14 20.77 53.81 34.03
CA GLY A 14 20.88 55.25 34.09
C GLY A 14 20.01 55.97 33.09
N SER A 15 19.16 55.26 32.35
CA SER A 15 18.26 55.91 31.41
C SER A 15 17.11 56.58 32.15
N VAL A 16 16.60 57.66 31.55
CA VAL A 16 15.58 58.50 32.18
C VAL A 16 14.21 58.00 31.74
N VAL A 17 13.46 57.41 32.66
CA VAL A 17 12.09 57.01 32.36
C VAL A 17 11.20 58.23 32.21
N GLY A 18 11.20 59.09 33.22
CA GLY A 18 10.41 60.31 33.19
C GLY A 18 10.73 61.18 34.37
N LYS A 19 10.32 62.44 34.28
CA LYS A 19 10.55 63.40 35.35
C LYS A 19 9.28 63.51 36.20
N LEU A 20 9.07 62.48 37.02
CA LEU A 20 7.85 62.46 37.84
C LEU A 20 7.91 63.48 38.96
N ALA A 21 9.10 63.68 39.54
CA ALA A 21 9.26 64.69 40.58
C ALA A 21 9.02 66.08 40.01
N LYS A 22 9.55 66.35 38.82
CA LYS A 22 9.25 67.61 38.14
C LYS A 22 7.78 67.69 37.74
N ASP A 23 7.15 66.54 37.49
CA ASP A 23 5.72 66.53 37.18
C ASP A 23 4.87 66.90 38.38
N LEU A 24 5.33 66.56 39.59
CA LEU A 24 4.64 66.92 40.81
C LEU A 24 5.08 68.27 41.36
N GLY A 25 6.10 68.89 40.76
CA GLY A 25 6.59 70.16 41.23
C GLY A 25 7.42 70.11 42.49
N LEU A 26 8.05 68.96 42.77
CA LEU A 26 8.88 68.79 43.95
C LEU A 26 10.24 69.42 43.69
N SER A 27 10.66 70.34 44.56
CA SER A 27 11.95 70.99 44.38
C SER A 27 13.07 70.10 44.90
N VAL A 28 14.29 70.39 44.45
CA VAL A 28 15.44 69.57 44.83
C VAL A 28 15.59 69.53 46.34
N LEU A 29 15.32 70.65 47.01
CA LEU A 29 15.35 70.69 48.47
C LEU A 29 14.31 69.74 49.05
N GLU A 30 13.12 69.70 48.43
CA GLU A 30 12.06 68.82 48.92
C GLU A 30 12.37 67.35 48.58
N VAL A 31 12.94 67.10 47.40
CA VAL A 31 13.31 65.74 47.02
C VAL A 31 14.38 65.20 47.97
N SER A 32 15.28 66.07 48.41
CA SER A 32 16.33 65.66 49.34
C SER A 32 15.77 65.49 50.75
N ALA A 33 14.98 66.45 51.21
CA ALA A 33 14.45 66.40 52.58
C ALA A 33 13.50 65.22 52.75
N ARG A 34 12.50 65.12 51.89
CA ARG A 34 11.58 63.98 51.92
C ARG A 34 12.26 62.80 51.26
N LYS A 35 12.65 61.81 52.08
CA LYS A 35 13.31 60.62 51.55
C LYS A 35 12.42 59.97 50.49
N LEU A 36 12.81 60.11 49.23
CA LEU A 36 11.99 59.68 48.10
C LEU A 36 12.47 58.31 47.64
N ARG A 37 11.63 57.30 47.81
CA ARG A 37 11.92 55.95 47.38
C ARG A 37 10.87 55.51 46.36
N VAL A 38 11.35 54.99 45.24
CA VAL A 38 10.51 54.43 44.18
C VAL A 38 10.60 52.91 44.26
N SER A 39 9.46 52.25 44.37
CA SER A 39 9.37 50.82 44.56
C SER A 39 8.48 50.19 43.51
N ALA A 40 8.84 48.99 43.07
CA ALA A 40 8.01 48.15 42.23
C ALA A 40 8.13 46.71 42.74
N GLU A 41 7.21 45.86 42.31
CA GLU A 41 7.23 44.47 42.77
C GLU A 41 8.36 43.72 42.11
N LYS A 42 9.32 43.26 42.92
CA LYS A 42 10.45 42.45 42.44
C LYS A 42 11.31 43.25 41.46
N LEU A 43 11.47 44.54 41.74
CA LEU A 43 12.22 45.42 40.85
C LEU A 43 12.75 46.61 41.65
N HIS A 44 13.79 47.23 41.11
CA HIS A 44 14.45 48.36 41.75
C HIS A 44 14.52 49.54 40.77
N PHE A 45 14.28 50.73 41.29
CA PHE A 45 14.45 51.98 40.55
C PHE A 45 15.05 53.00 41.52
N SER A 46 15.66 54.05 40.96
CA SER A 46 16.35 55.02 41.78
C SER A 46 16.09 56.44 41.27
N VAL A 47 16.14 57.40 42.19
CA VAL A 47 16.03 58.82 41.89
C VAL A 47 17.22 59.51 42.55
N ASP A 48 18.09 60.09 41.74
CA ASP A 48 19.27 60.78 42.26
C ASP A 48 18.91 62.21 42.65
N SER A 49 19.45 62.64 43.80
CA SER A 49 19.12 63.95 44.35
C SER A 49 19.54 65.09 43.42
N GLU A 50 20.57 64.88 42.61
CA GLU A 50 21.09 65.95 41.77
C GLU A 50 20.07 66.36 40.71
N SER A 51 19.55 65.39 39.96
CA SER A 51 18.56 65.68 38.92
C SER A 51 17.13 65.52 39.39
N GLY A 52 16.89 64.65 40.36
CA GLY A 52 15.56 64.43 40.90
C GLY A 52 14.56 63.91 39.88
N ASP A 53 14.93 62.85 39.16
CA ASP A 53 14.09 62.25 38.14
C ASP A 53 14.10 60.74 38.31
N LEU A 54 13.23 60.06 37.56
CA LEU A 54 13.14 58.61 37.62
C LEU A 54 14.14 58.00 36.64
N LEU A 55 15.06 57.19 37.16
CA LEU A 55 16.06 56.50 36.37
C LEU A 55 16.00 55.01 36.64
N VAL A 56 16.32 54.21 35.63
CA VAL A 56 16.29 52.76 35.75
C VAL A 56 17.48 52.29 36.56
N LYS A 57 17.28 51.24 37.34
CA LYS A 57 18.33 50.59 38.10
C LYS A 57 18.52 49.12 37.76
N ASP A 58 17.53 48.47 37.16
CA ASP A 58 17.62 47.08 36.77
C ASP A 58 17.22 46.94 35.31
N ARG A 59 18.02 46.22 34.53
CA ARG A 59 17.65 45.91 33.16
C ARG A 59 16.36 45.09 33.14
N ILE A 60 15.36 45.58 32.43
CA ILE A 60 14.01 45.01 32.45
C ILE A 60 13.75 44.27 31.14
N ASP A 61 13.26 43.05 31.25
CA ASP A 61 12.91 42.22 30.09
C ASP A 61 11.39 42.06 30.08
N ARG A 62 10.75 42.63 29.06
CA ARG A 62 9.29 42.57 28.97
C ARG A 62 8.79 41.13 28.86
N GLU A 63 9.50 40.29 28.10
CA GLU A 63 9.09 38.91 27.93
C GLU A 63 9.23 38.09 29.21
N GLN A 64 10.08 38.53 30.15
CA GLN A 64 10.28 37.75 31.36
C GLN A 64 9.13 37.95 32.36
N ILE A 65 8.68 39.19 32.53
CA ILE A 65 7.67 39.49 33.54
C ILE A 65 6.24 39.39 32.99
N CYS A 66 6.07 39.62 31.68
CA CYS A 66 4.73 39.67 31.09
C CYS A 66 4.33 38.43 30.32
N LYS A 67 5.28 37.75 29.69
CA LYS A 67 5.02 36.66 28.73
C LYS A 67 3.96 37.13 27.74
N GLY A 68 2.89 36.35 27.51
CA GLY A 68 1.92 36.60 26.45
C GLY A 68 0.96 37.75 26.65
N ARG A 69 1.06 38.49 27.76
CA ARG A 69 0.11 39.58 28.02
C ARG A 69 0.14 40.61 26.90
N ARG A 70 -1.03 41.16 26.58
CA ARG A 70 -1.15 42.11 25.47
C ARG A 70 -0.32 43.36 25.72
N LYS A 71 -0.49 43.97 26.90
CA LYS A 71 0.20 45.20 27.25
C LYS A 71 0.75 45.08 28.66
N CYS A 72 1.82 45.84 28.93
CA CYS A 72 2.54 45.76 30.19
C CYS A 72 2.51 47.12 30.86
N GLU A 73 1.89 47.19 32.03
CA GLU A 73 1.83 48.41 32.83
C GLU A 73 2.26 48.09 34.24
N LEU A 74 3.48 48.50 34.60
CA LEU A 74 3.95 48.36 35.98
C LEU A 74 3.44 49.51 36.83
N GLN A 75 2.85 49.17 37.97
CA GLN A 75 2.34 50.17 38.91
C GLN A 75 3.42 50.40 39.96
N LEU A 76 4.38 51.25 39.62
CA LEU A 76 5.39 51.66 40.59
C LEU A 76 4.77 52.68 41.55
N GLU A 77 5.45 52.89 42.68
CA GLU A 77 5.00 53.89 43.63
C GLU A 77 6.18 54.63 44.23
N ALA A 78 5.92 55.85 44.69
CA ALA A 78 6.91 56.71 45.32
C ALA A 78 6.43 57.09 46.71
N VAL A 79 7.36 57.20 47.66
CA VAL A 79 7.02 57.48 49.05
C VAL A 79 7.65 58.81 49.46
N LEU A 80 6.87 59.64 50.13
CA LEU A 80 7.33 60.88 50.75
C LEU A 80 7.11 60.82 52.25
N GLU A 81 7.90 61.58 52.99
CA GLU A 81 7.84 61.55 54.44
C GLU A 81 7.86 62.98 54.99
N ASN A 82 7.20 63.16 56.13
CA ASN A 82 7.02 64.46 56.80
C ASN A 82 6.89 65.65 55.83
N PRO A 83 5.71 65.81 55.21
CA PRO A 83 4.51 64.96 55.34
C PRO A 83 4.63 63.64 54.59
N LEU A 84 4.01 62.60 55.13
CA LEU A 84 4.14 61.25 54.59
C LEU A 84 3.01 60.99 53.59
N ASN A 85 3.37 60.40 52.46
CA ASN A 85 2.38 60.17 51.41
C ASN A 85 2.90 59.10 50.45
N ILE A 86 1.96 58.50 49.72
CA ILE A 86 2.25 57.46 48.74
C ILE A 86 1.65 57.88 47.41
N PHE A 87 2.41 57.73 46.34
CA PHE A 87 1.94 58.11 45.00
C PHE A 87 2.10 56.95 44.05
N HIS A 88 1.13 56.80 43.15
CA HIS A 88 1.11 55.72 42.17
C HIS A 88 1.48 56.25 40.79
N VAL A 89 2.38 55.54 40.12
CA VAL A 89 2.77 55.83 38.75
C VAL A 89 2.65 54.56 37.94
N VAL A 90 2.27 54.71 36.68
CA VAL A 90 2.09 53.60 35.76
C VAL A 90 3.08 53.75 34.62
N VAL A 91 3.82 52.68 34.33
CA VAL A 91 4.87 52.70 33.32
C VAL A 91 4.58 51.62 32.29
N GLU A 92 4.62 52.00 31.02
CA GLU A 92 4.37 51.10 29.90
C GLU A 92 5.69 50.75 29.24
N ILE A 93 5.93 49.44 29.06
CA ILE A 93 7.15 48.94 28.45
C ILE A 93 6.86 48.66 26.99
N GLU A 94 7.50 49.41 26.09
CA GLU A 94 7.36 49.18 24.67
C GLU A 94 8.17 47.97 24.25
N ASP A 95 7.56 47.08 23.46
CA ASP A 95 8.24 45.87 23.02
C ASP A 95 9.29 46.20 21.97
N VAL A 96 10.43 45.52 22.04
CA VAL A 96 11.51 45.67 21.09
C VAL A 96 11.80 44.31 20.46
N ASN A 97 11.89 44.27 19.14
CA ASN A 97 12.12 43.04 18.40
C ASN A 97 13.56 42.58 18.61
N ASP A 98 13.80 41.97 19.78
CA ASP A 98 15.11 41.41 20.09
C ASP A 98 15.13 39.89 20.12
N HIS A 99 13.98 39.24 20.25
CA HIS A 99 13.89 37.78 20.24
C HIS A 99 13.45 37.34 18.85
N ALA A 100 14.38 36.72 18.12
CA ALA A 100 14.04 36.19 16.81
C ALA A 100 13.23 34.90 16.96
N PRO A 101 12.32 34.63 16.02
CA PRO A 101 11.60 33.35 16.06
C PRO A 101 12.56 32.20 15.79
N GLN A 102 12.45 31.15 16.60
CA GLN A 102 13.35 30.01 16.51
C GLN A 102 12.56 28.73 16.74
N PHE A 103 12.99 27.66 16.07
CA PHE A 103 12.35 26.36 16.16
C PHE A 103 12.95 25.53 17.29
N PRO A 104 12.15 24.63 17.89
CA PRO A 104 12.68 23.82 19.00
C PRO A 104 13.95 23.06 18.66
N LYS A 105 14.08 22.58 17.43
CA LYS A 105 15.28 21.87 17.02
C LYS A 105 15.70 22.37 15.65
N ASP A 106 17.00 22.52 15.44
CA ASP A 106 17.50 22.98 14.15
C ASP A 106 17.27 21.93 13.07
N GLU A 107 17.43 20.65 13.41
CA GLU A 107 17.29 19.56 12.45
C GLU A 107 16.04 18.78 12.80
N ILE A 108 15.15 18.63 11.82
CA ILE A 108 13.89 17.89 11.97
C ILE A 108 13.89 16.74 10.98
N ASN A 109 13.77 15.52 11.50
CA ASN A 109 13.75 14.31 10.67
C ASN A 109 12.35 13.75 10.60
N LEU A 110 11.86 13.53 9.39
CA LEU A 110 10.52 13.00 9.15
C LEU A 110 10.59 11.76 8.29
N GLU A 111 9.75 10.78 8.61
CA GLU A 111 9.63 9.55 7.84
C GLU A 111 8.21 9.46 7.30
N ILE A 112 8.07 9.49 5.98
CA ILE A 112 6.78 9.48 5.31
C ILE A 112 6.69 8.24 4.44
N SER A 113 5.52 7.62 4.42
CA SER A 113 5.30 6.42 3.63
C SER A 113 5.11 6.77 2.15
N GLU A 114 5.75 6.00 1.28
CA GLU A 114 5.59 6.19 -0.15
C GLU A 114 4.14 6.04 -0.58
N SER A 115 3.41 5.12 0.05
CA SER A 115 2.03 4.84 -0.30
C SER A 115 1.04 5.88 0.20
N ASP A 116 1.51 6.95 0.83
CA ASP A 116 0.61 7.96 1.35
C ASP A 116 -0.16 8.64 0.22
N SER A 117 -1.46 8.86 0.44
CA SER A 117 -2.31 9.46 -0.57
C SER A 117 -1.99 10.94 -0.74
N PRO A 118 -2.10 11.47 -1.95
CA PRO A 118 -1.89 12.90 -2.16
C PRO A 118 -2.97 13.72 -1.47
N GLY A 119 -2.57 14.91 -1.01
CA GLY A 119 -3.46 15.76 -0.24
C GLY A 119 -3.41 15.55 1.25
N ALA A 120 -2.54 14.68 1.75
CA ALA A 120 -2.45 14.42 3.17
C ALA A 120 -1.79 15.59 3.89
N ARG A 121 -2.00 15.65 5.20
CA ARG A 121 -1.49 16.71 6.03
C ARG A 121 -0.66 16.12 7.16
N THR A 122 0.47 16.77 7.45
CA THR A 122 1.35 16.35 8.54
C THR A 122 1.76 17.59 9.33
N ILE A 123 1.35 17.63 10.60
CA ILE A 123 1.63 18.78 11.45
C ILE A 123 3.09 18.79 11.86
N LEU A 124 3.71 19.97 11.90
CA LEU A 124 5.09 20.14 12.31
C LEU A 124 5.16 20.98 13.57
N GLU A 125 6.32 20.93 14.22
CA GLU A 125 6.55 21.71 15.43
C GLU A 125 6.50 23.20 15.10
N SER A 126 5.71 23.94 15.87
CA SER A 126 5.57 25.37 15.64
C SER A 126 6.78 26.14 16.17
N ALA A 127 7.03 27.29 15.56
CA ALA A 127 8.12 28.15 16.00
C ALA A 127 7.71 28.96 17.23
N LYS A 128 8.72 29.44 17.95
CA LYS A 128 8.52 30.20 19.18
C LYS A 128 9.10 31.60 19.00
N ASP A 129 8.27 32.62 19.25
CA ASP A 129 8.71 34.00 19.24
C ASP A 129 8.26 34.65 20.55
N LEU A 130 9.22 34.98 21.41
CA LEU A 130 8.86 35.58 22.70
C LEU A 130 8.26 36.96 22.53
N ASP A 131 8.59 37.65 21.43
CA ASP A 131 8.01 38.96 21.18
C ASP A 131 6.50 38.85 20.94
N ILE A 132 5.79 39.89 21.35
CA ILE A 132 4.34 39.92 21.30
C ILE A 132 3.88 41.07 20.41
N GLY A 133 2.81 40.84 19.66
CA GLY A 133 2.21 41.89 18.85
C GLY A 133 2.75 41.87 17.43
N MET A 134 3.18 43.04 16.95
CA MET A 134 3.76 43.11 15.61
C MET A 134 5.03 42.28 15.52
N ASN A 135 5.94 42.45 16.49
CA ASN A 135 7.21 41.75 16.48
C ASN A 135 7.08 40.25 16.71
N SER A 136 5.87 39.74 16.93
CA SER A 136 5.68 38.31 17.05
C SER A 136 5.82 37.64 15.69
N LEU A 137 5.79 36.31 15.68
CA LEU A 137 5.90 35.56 14.44
C LEU A 137 4.80 36.00 13.46
N SER A 138 5.18 36.10 12.18
CA SER A 138 4.27 36.62 11.17
C SER A 138 3.94 35.62 10.08
N LYS A 139 4.94 34.91 9.54
CA LYS A 139 4.67 34.03 8.41
C LYS A 139 5.67 32.89 8.39
N TYR A 140 5.22 31.78 7.80
CA TYR A 140 6.06 30.61 7.55
C TYR A 140 6.21 30.43 6.04
N GLN A 141 7.43 30.16 5.59
CA GLN A 141 7.65 29.85 4.19
C GLN A 141 8.79 28.85 4.09
N LEU A 142 8.71 27.99 3.07
CA LEU A 142 9.65 26.88 2.92
C LEU A 142 10.32 26.94 1.56
N SER A 143 11.39 26.16 1.43
CA SER A 143 12.09 26.06 0.16
C SER A 143 11.17 25.44 -0.90
N PRO A 144 11.21 25.93 -2.14
CA PRO A 144 10.27 25.44 -3.15
C PRO A 144 10.68 24.07 -3.66
N ASN A 145 9.71 23.17 -3.74
CA ASN A 145 9.94 21.82 -4.25
C ASN A 145 8.71 21.35 -4.99
N ASP A 146 8.92 20.33 -5.84
CA ASP A 146 7.84 19.81 -6.66
C ASP A 146 6.85 18.99 -5.84
N TYR A 147 7.36 18.24 -4.85
CA TYR A 147 6.52 17.29 -4.12
C TYR A 147 5.58 17.97 -3.13
N PHE A 148 6.09 18.90 -2.34
CA PHE A 148 5.39 19.38 -1.15
C PHE A 148 4.91 20.82 -1.29
N LEU A 149 3.80 21.10 -0.62
CA LEU A 149 3.26 22.45 -0.44
C LEU A 149 3.02 22.68 1.04
N LEU A 150 3.10 23.93 1.47
CA LEU A 150 3.03 24.29 2.89
C LEU A 150 1.73 25.02 3.21
N LEU A 151 1.14 24.67 4.36
CA LEU A 151 -0.03 25.33 4.89
C LEU A 151 0.27 25.81 6.31
N VAL A 152 -0.37 26.91 6.70
CA VAL A 152 -0.19 27.48 8.04
C VAL A 152 -1.56 27.61 8.70
N LYS A 153 -1.72 27.00 9.88
CA LYS A 153 -2.98 27.05 10.61
C LYS A 153 -2.71 27.37 12.07
N ASP A 154 -3.69 27.96 12.73
CA ASP A 154 -3.54 28.45 14.10
C ASP A 154 -4.27 27.53 15.07
N ASN A 155 -3.60 27.17 16.17
CA ASN A 155 -4.21 26.42 17.25
C ASN A 155 -4.93 27.37 18.20
N PRO A 156 -5.78 26.85 19.10
CA PRO A 156 -6.65 27.73 19.90
C PRO A 156 -5.94 28.84 20.68
N ASP A 157 -4.70 28.64 21.14
CA ASP A 157 -4.08 29.67 21.97
C ASP A 157 -3.63 30.88 21.16
N GLY A 158 -3.76 30.86 19.84
CA GLY A 158 -3.41 31.99 19.00
C GLY A 158 -2.08 31.87 18.28
N SER A 159 -1.28 30.85 18.61
CA SER A 159 -0.03 30.67 17.90
C SER A 159 -0.29 30.10 16.51
N LYS A 160 0.70 30.25 15.63
CA LYS A 160 0.63 29.73 14.28
C LYS A 160 1.55 28.52 14.15
N TYR A 161 0.99 27.40 13.72
CA TYR A 161 1.78 26.22 13.45
C TYR A 161 1.70 25.84 11.97
N PRO A 162 2.82 25.40 11.39
CA PRO A 162 2.80 24.98 9.98
C PRO A 162 2.62 23.49 9.82
N GLU A 163 1.81 23.10 8.84
CA GLU A 163 1.60 21.70 8.49
C GLU A 163 1.82 21.54 6.99
N LEU A 164 2.27 20.35 6.60
CA LEU A 164 2.64 20.07 5.22
C LEU A 164 1.53 19.32 4.50
N GLU A 165 1.18 19.80 3.31
CA GLU A 165 0.24 19.13 2.42
C GLU A 165 0.97 18.80 1.13
N LEU A 166 0.96 17.53 0.75
CA LEU A 166 1.71 17.06 -0.40
C LEU A 166 0.81 17.00 -1.61
N GLN A 167 1.29 17.51 -2.74
CA GLN A 167 0.48 17.57 -3.95
C GLN A 167 0.57 16.27 -4.74
N LYS A 168 1.76 15.66 -4.81
CA LYS A 168 1.98 14.44 -5.57
C LYS A 168 2.49 13.34 -4.66
N MET A 169 1.99 12.12 -4.86
CA MET A 169 2.43 10.98 -4.07
C MET A 169 3.92 10.72 -4.30
N LEU A 170 4.59 10.28 -3.24
CA LEU A 170 6.03 10.10 -3.29
C LEU A 170 6.40 8.76 -3.93
N ASP A 171 7.69 8.59 -4.20
CA ASP A 171 8.20 7.36 -4.82
C ASP A 171 9.69 7.27 -4.50
N ARG A 172 10.06 6.37 -3.60
CA ARG A 172 11.47 6.23 -3.24
C ARG A 172 12.27 5.52 -4.32
N GLU A 173 11.62 4.74 -5.18
CA GLU A 173 12.33 4.12 -6.30
C GLU A 173 12.80 5.15 -7.32
N ALA A 174 12.32 6.38 -7.23
CA ALA A 174 12.83 7.50 -8.03
C ALA A 174 13.82 8.34 -7.22
N GLU A 175 13.36 8.89 -6.10
CA GLU A 175 14.23 9.64 -5.20
C GLU A 175 13.93 9.19 -3.78
N SER A 176 14.94 8.67 -3.09
CA SER A 176 14.74 8.05 -1.78
C SER A 176 14.55 9.09 -0.68
N THR A 177 15.47 10.06 -0.60
CA THR A 177 15.51 11.01 0.51
C THR A 177 15.45 12.44 -0.02
N HIS A 178 14.79 13.31 0.72
CA HIS A 178 14.66 14.72 0.36
C HIS A 178 15.12 15.59 1.51
N HIS A 179 15.72 16.73 1.15
CA HIS A 179 16.16 17.73 2.11
C HIS A 179 15.52 19.07 1.76
N LEU A 180 14.96 19.75 2.76
CA LEU A 180 14.24 20.98 2.54
C LEU A 180 14.60 22.00 3.61
N MET A 181 14.27 23.26 3.34
CA MET A 181 14.54 24.37 4.25
C MET A 181 13.23 25.00 4.69
N LEU A 182 13.03 25.11 6.00
CA LEU A 182 11.85 25.73 6.58
C LEU A 182 12.25 27.02 7.28
N THR A 183 11.55 28.11 6.97
CA THR A 183 11.89 29.43 7.47
C THR A 183 10.67 30.08 8.12
N ALA A 184 10.92 30.74 9.25
CA ALA A 184 9.89 31.48 9.98
C ALA A 184 10.34 32.93 10.13
N VAL A 185 9.46 33.86 9.74
CA VAL A 185 9.78 35.28 9.74
C VAL A 185 8.76 36.03 10.58
N ASP A 186 9.24 36.97 11.39
CA ASP A 186 8.39 37.84 12.19
C ASP A 186 8.21 39.19 11.50
N GLY A 187 7.12 39.86 11.85
CA GLY A 187 6.81 41.15 11.26
C GLY A 187 7.33 42.35 12.03
N GLY A 188 8.59 42.72 11.80
CA GLY A 188 9.17 43.84 12.49
C GLY A 188 10.29 44.47 11.68
N ASP A 189 10.80 45.58 12.19
CA ASP A 189 11.91 46.28 11.57
C ASP A 189 13.12 46.34 12.50
N PRO A 190 14.21 45.63 12.14
CA PRO A 190 14.29 44.77 10.94
C PRO A 190 13.77 43.36 11.18
N PRO A 191 13.32 42.69 10.12
CA PRO A 191 12.82 41.31 10.27
C PRO A 191 13.94 40.32 10.51
N ARG A 192 13.68 39.37 11.40
CA ARG A 192 14.60 38.28 11.69
C ARG A 192 13.96 36.95 11.29
N THR A 193 14.79 36.00 10.88
CA THR A 193 14.32 34.71 10.37
C THR A 193 14.98 33.57 11.14
N GLY A 194 14.17 32.61 11.57
CA GLY A 194 14.65 31.37 12.15
C GLY A 194 14.42 30.21 11.19
N THR A 195 15.49 29.46 10.92
CA THR A 195 15.50 28.44 9.89
C THR A 195 15.83 27.07 10.46
N THR A 196 15.06 26.07 10.05
CA THR A 196 15.31 24.67 10.37
C THR A 196 15.20 23.84 9.10
N GLN A 197 16.23 23.05 8.82
CA GLN A 197 16.23 22.16 7.67
C GLN A 197 15.53 20.85 8.02
N LEU A 198 14.58 20.45 7.19
CA LEU A 198 13.84 19.22 7.38
C LEU A 198 14.41 18.12 6.49
N ARG A 199 14.66 16.94 7.07
CA ARG A 199 15.13 15.79 6.35
C ARG A 199 14.00 14.76 6.29
N ILE A 200 13.52 14.47 5.09
CA ILE A 200 12.42 13.54 4.88
C ILE A 200 12.98 12.28 4.23
N ARG A 201 12.76 11.14 4.86
CA ARG A 201 13.14 9.85 4.29
C ARG A 201 11.90 9.02 4.00
N VAL A 202 11.76 8.57 2.76
CA VAL A 202 10.61 7.81 2.30
C VAL A 202 10.84 6.33 2.60
N VAL A 203 9.87 5.70 3.26
CA VAL A 203 9.95 4.29 3.64
C VAL A 203 9.28 3.47 2.55
N ASP A 204 9.83 2.29 2.27
CA ASP A 204 9.36 1.49 1.15
C ASP A 204 7.94 0.96 1.39
N ALA A 205 7.15 0.98 0.33
CA ALA A 205 5.82 0.40 0.29
C ALA A 205 5.82 -0.76 -0.71
N ASN A 206 4.65 -1.38 -0.86
CA ASN A 206 4.49 -2.50 -1.78
C ASN A 206 3.64 -2.06 -2.97
N ASP A 207 4.23 -1.21 -3.80
CA ASP A 207 3.57 -0.68 -4.99
C ASP A 207 4.21 -1.14 -6.29
N ASN A 208 5.33 -1.86 -6.22
CA ASN A 208 6.00 -2.39 -7.40
C ASN A 208 5.87 -3.90 -7.41
N ARG A 209 5.24 -4.43 -8.47
CA ARG A 209 5.08 -5.86 -8.64
C ARG A 209 6.39 -6.49 -9.09
N PRO A 210 6.63 -7.75 -8.72
CA PRO A 210 7.80 -8.45 -9.27
C PRO A 210 7.58 -8.73 -10.74
N VAL A 211 8.63 -8.52 -11.54
CA VAL A 211 8.54 -8.61 -12.99
C VAL A 211 9.56 -9.62 -13.50
N PHE A 212 9.13 -10.45 -14.45
CA PHE A 212 10.01 -11.41 -15.08
C PHE A 212 10.90 -10.72 -16.10
N SER A 213 12.03 -11.38 -16.41
CA SER A 213 12.95 -10.85 -17.41
C SER A 213 12.30 -10.80 -18.79
N GLN A 214 11.53 -11.82 -19.14
CA GLN A 214 10.84 -11.90 -20.41
C GLN A 214 9.36 -12.13 -20.17
N ASP A 215 8.53 -11.67 -21.11
CA ASP A 215 7.11 -11.92 -21.01
C ASP A 215 6.76 -13.34 -21.43
N VAL A 216 7.46 -13.86 -22.44
CA VAL A 216 7.22 -15.20 -22.98
C VAL A 216 8.55 -15.94 -23.00
N TYR A 217 8.59 -17.11 -22.36
CA TYR A 217 9.78 -17.94 -22.33
C TYR A 217 9.58 -19.13 -23.26
N ARG A 218 10.58 -19.41 -24.09
CA ARG A 218 10.50 -20.50 -25.05
C ARG A 218 11.79 -21.30 -25.05
N VAL A 219 11.66 -22.62 -25.02
CA VAL A 219 12.81 -23.53 -25.08
C VAL A 219 12.40 -24.77 -25.85
N ARG A 220 13.38 -25.40 -26.49
CA ARG A 220 13.18 -26.55 -27.37
C ARG A 220 13.88 -27.76 -26.77
N LEU A 221 13.16 -28.87 -26.65
CA LEU A 221 13.66 -30.05 -25.95
C LEU A 221 13.32 -31.30 -26.74
N PRO A 222 14.20 -32.30 -26.72
CA PRO A 222 13.87 -33.61 -27.32
C PRO A 222 13.11 -34.50 -26.36
N GLU A 223 12.29 -35.38 -26.93
CA GLU A 223 11.47 -36.27 -26.10
C GLU A 223 12.29 -37.28 -25.33
N ASP A 224 13.50 -37.58 -25.78
CA ASP A 224 14.36 -38.54 -25.09
C ASP A 224 15.07 -37.95 -23.87
N LEU A 225 14.80 -36.69 -23.54
CA LEU A 225 15.44 -36.06 -22.39
C LEU A 225 15.04 -36.80 -21.12
N PRO A 226 16.00 -37.13 -20.24
CA PRO A 226 15.64 -37.90 -19.05
C PRO A 226 14.91 -37.03 -18.05
N PRO A 227 14.07 -37.63 -17.20
CA PRO A 227 13.42 -36.86 -16.12
C PRO A 227 14.44 -36.35 -15.12
N GLY A 228 14.00 -35.38 -14.31
CA GLY A 228 14.89 -34.71 -13.38
C GLY A 228 15.71 -33.61 -13.99
N THR A 229 15.67 -33.44 -15.31
CA THR A 229 16.47 -32.43 -15.97
C THR A 229 15.89 -31.05 -15.74
N THR A 230 16.74 -30.10 -15.34
CA THR A 230 16.33 -28.71 -15.16
C THR A 230 16.04 -28.12 -16.54
N VAL A 231 14.77 -28.11 -16.93
CA VAL A 231 14.42 -27.70 -18.29
C VAL A 231 14.60 -26.20 -18.46
N LEU A 232 14.30 -25.41 -17.42
CA LEU A 232 14.39 -23.97 -17.55
C LEU A 232 14.64 -23.34 -16.19
N ARG A 233 15.26 -22.16 -16.20
CA ARG A 233 15.45 -21.34 -15.01
C ARG A 233 14.77 -19.99 -15.22
N LEU A 234 13.89 -19.62 -14.30
CA LEU A 234 13.14 -18.38 -14.41
C LEU A 234 13.86 -17.24 -13.71
N LYS A 235 13.62 -16.02 -14.20
CA LYS A 235 14.27 -14.82 -13.70
C LYS A 235 13.23 -13.75 -13.40
N ALA A 236 13.29 -13.16 -12.21
CA ALA A 236 12.35 -12.10 -11.84
C ALA A 236 12.98 -11.21 -10.77
N MET A 237 12.49 -9.98 -10.70
CA MET A 237 13.01 -8.99 -9.76
C MET A 237 11.87 -8.11 -9.25
N ASP A 238 12.00 -7.68 -8.00
CA ASP A 238 11.06 -6.75 -7.37
C ASP A 238 11.81 -5.48 -7.01
N GLN A 239 11.37 -4.35 -7.57
CA GLN A 239 12.03 -3.07 -7.30
C GLN A 239 11.86 -2.60 -5.86
N ASP A 240 10.93 -3.17 -5.11
CA ASP A 240 10.77 -2.82 -3.71
C ASP A 240 11.98 -3.27 -2.89
N GLU A 241 11.92 -3.03 -1.59
CA GLU A 241 13.00 -3.42 -0.69
C GLU A 241 12.41 -4.02 0.57
N GLY A 242 13.16 -4.94 1.17
CA GLY A 242 12.73 -5.56 2.40
C GLY A 242 11.64 -6.61 2.20
N ILE A 243 10.72 -6.70 3.16
CA ILE A 243 9.65 -7.70 3.10
C ILE A 243 8.85 -7.55 1.81
N ASN A 244 8.64 -6.32 1.36
CA ASN A 244 7.87 -6.07 0.16
C ASN A 244 8.59 -6.46 -1.12
N ALA A 245 9.80 -7.03 -1.03
CA ALA A 245 10.55 -7.41 -2.22
C ALA A 245 10.82 -8.91 -2.30
N GLU A 246 10.28 -9.71 -1.39
CA GLU A 246 10.50 -11.16 -1.38
C GLU A 246 9.30 -11.84 -2.03
N PHE A 247 9.56 -12.63 -3.07
CA PHE A 247 8.50 -13.24 -3.85
C PHE A 247 8.82 -14.70 -4.13
N THR A 248 7.79 -15.46 -4.49
CA THR A 248 7.89 -16.86 -4.86
C THR A 248 7.17 -17.10 -6.17
N TYR A 249 7.62 -18.13 -6.88
CA TYR A 249 7.02 -18.55 -8.14
C TYR A 249 6.01 -19.67 -7.90
N SER A 250 4.95 -19.68 -8.69
CA SER A 250 3.91 -20.69 -8.56
C SER A 250 3.33 -20.97 -9.93
N PHE A 251 2.85 -22.20 -10.12
CA PHE A 251 2.20 -22.60 -11.36
C PHE A 251 0.76 -22.13 -11.33
N LEU A 252 0.46 -21.08 -12.10
CA LEU A 252 -0.91 -20.58 -12.17
C LEU A 252 -1.83 -21.61 -12.83
N GLY A 253 -1.34 -22.31 -13.85
CA GLY A 253 -2.13 -23.35 -14.46
C GLY A 253 -2.23 -24.58 -13.57
N VAL A 254 -3.30 -25.34 -13.78
CA VAL A 254 -3.57 -26.55 -13.00
C VAL A 254 -3.38 -27.76 -13.90
N ALA A 255 -2.81 -28.83 -13.34
CA ALA A 255 -2.53 -30.10 -14.00
C ALA A 255 -1.45 -30.00 -15.06
N ASN A 256 -0.93 -28.80 -15.35
CA ASN A 256 0.19 -28.68 -16.28
C ASN A 256 1.45 -29.28 -15.68
N LYS A 257 1.59 -29.25 -14.36
CA LYS A 257 2.73 -29.83 -13.65
C LYS A 257 2.50 -31.29 -13.31
N ALA A 258 1.86 -32.07 -14.19
CA ALA A 258 1.69 -33.48 -13.93
C ALA A 258 3.04 -34.20 -13.91
N GLN A 259 3.90 -33.89 -14.89
CA GLN A 259 5.26 -34.41 -14.93
C GLN A 259 6.30 -33.33 -14.67
N PHE A 260 5.89 -32.08 -14.48
CA PHE A 260 6.80 -30.97 -14.26
C PHE A 260 6.84 -30.60 -12.79
N SER A 261 7.99 -30.10 -12.35
CA SER A 261 8.17 -29.58 -11.00
C SER A 261 8.79 -28.20 -11.07
N LEU A 262 8.49 -27.38 -10.07
CA LEU A 262 8.99 -26.01 -10.01
C LEU A 262 9.53 -25.76 -8.61
N ASP A 263 10.78 -25.30 -8.54
CA ASP A 263 11.35 -24.86 -7.28
C ASP A 263 11.16 -23.35 -7.18
N PRO A 264 10.27 -22.87 -6.31
CA PRO A 264 10.03 -21.42 -6.23
C PRO A 264 11.16 -20.67 -5.59
N ILE A 265 11.99 -21.32 -4.77
CA ILE A 265 13.12 -20.63 -4.15
C ILE A 265 14.11 -20.20 -5.22
N THR A 266 14.53 -21.13 -6.07
CA THR A 266 15.41 -20.84 -7.18
C THR A 266 14.66 -20.33 -8.40
N GLY A 267 13.38 -20.67 -8.54
CA GLY A 267 12.63 -20.38 -9.73
C GLY A 267 12.75 -21.43 -10.81
N ASP A 268 13.30 -22.59 -10.48
CA ASP A 268 13.63 -23.58 -11.50
C ASP A 268 12.40 -24.36 -11.95
N ILE A 269 12.46 -24.84 -13.19
CA ILE A 269 11.45 -25.75 -13.73
C ILE A 269 12.20 -26.97 -14.25
N VAL A 270 11.85 -28.13 -13.70
CA VAL A 270 12.44 -29.41 -14.07
C VAL A 270 11.32 -30.34 -14.48
N THR A 271 11.69 -31.48 -15.06
CA THR A 271 10.73 -32.50 -15.44
C THR A 271 10.92 -33.72 -14.55
N ARG A 272 9.81 -34.38 -14.22
CA ARG A 272 9.86 -35.58 -13.40
C ARG A 272 9.49 -36.85 -14.15
N GLN A 273 8.98 -36.73 -15.37
CA GLN A 273 8.66 -37.87 -16.21
C GLN A 273 9.00 -37.53 -17.66
N SER A 274 9.55 -38.50 -18.39
CA SER A 274 9.92 -38.29 -19.78
C SER A 274 8.68 -37.97 -20.62
N LEU A 275 8.92 -37.28 -21.73
CA LEU A 275 7.86 -36.84 -22.62
C LEU A 275 7.81 -37.72 -23.86
N ASP A 276 6.68 -37.63 -24.56
CA ASP A 276 6.45 -38.39 -25.77
C ASP A 276 5.92 -37.44 -26.84
N PHE A 277 6.66 -37.33 -27.95
CA PHE A 277 6.27 -36.41 -29.02
C PHE A 277 4.92 -36.79 -29.61
N GLU A 278 4.61 -38.08 -29.67
CA GLU A 278 3.36 -38.53 -30.27
C GLU A 278 2.16 -38.28 -29.38
N GLU A 279 2.37 -38.02 -28.09
CA GLU A 279 1.26 -37.70 -27.20
C GLU A 279 0.91 -36.22 -27.26
N VAL A 280 1.82 -35.37 -26.79
CA VAL A 280 1.64 -33.92 -26.79
C VAL A 280 2.90 -33.29 -27.37
N GLU A 281 2.74 -32.53 -28.45
CA GLU A 281 3.90 -31.98 -29.14
C GLU A 281 4.49 -30.79 -28.40
N GLN A 282 3.66 -29.96 -27.77
CA GLN A 282 4.15 -28.76 -27.11
C GLN A 282 3.28 -28.45 -25.90
N TYR A 283 3.91 -27.88 -24.88
CA TYR A 283 3.22 -27.51 -23.64
C TYR A 283 3.19 -25.99 -23.49
N THR A 284 2.02 -25.47 -23.11
CA THR A 284 1.85 -24.07 -22.76
C THR A 284 1.43 -23.99 -21.31
N ILE A 285 2.24 -23.32 -20.48
CA ILE A 285 2.01 -23.24 -19.05
C ILE A 285 2.07 -21.78 -18.62
N ASP A 286 1.23 -21.42 -17.66
CA ASP A 286 1.22 -20.07 -17.10
C ASP A 286 1.80 -20.12 -15.69
N VAL A 287 2.87 -19.35 -15.46
CA VAL A 287 3.52 -19.30 -14.15
C VAL A 287 3.46 -17.86 -13.66
N GLU A 288 3.07 -17.68 -12.40
CA GLU A 288 2.94 -16.35 -11.81
C GLU A 288 3.81 -16.27 -10.57
N ALA A 289 4.40 -15.09 -10.35
CA ALA A 289 5.19 -14.79 -9.17
C ALA A 289 4.42 -13.84 -8.27
N LYS A 290 4.36 -14.16 -6.99
CA LYS A 290 3.67 -13.35 -6.01
C LYS A 290 4.63 -13.04 -4.86
N ASP A 291 4.67 -11.77 -4.44
CA ASP A 291 5.52 -11.41 -3.32
C ASP A 291 4.85 -11.73 -1.99
N ARG A 292 5.36 -11.15 -0.90
CA ARG A 292 4.73 -11.37 0.38
C ARG A 292 3.35 -10.72 0.43
N GLY A 293 3.17 -9.61 -0.28
CA GLY A 293 1.86 -9.05 -0.50
C GLY A 293 1.12 -9.85 -1.57
N SER A 294 -0.01 -9.29 -2.01
CA SER A 294 -0.82 -9.94 -3.02
C SER A 294 -0.48 -9.49 -4.43
N LEU A 295 0.61 -8.75 -4.61
CA LEU A 295 1.05 -8.35 -5.94
C LEU A 295 1.59 -9.58 -6.68
N SER A 296 1.03 -9.87 -7.84
CA SER A 296 1.42 -11.03 -8.64
C SER A 296 1.57 -10.62 -10.09
N SER A 297 2.47 -11.29 -10.79
CA SER A 297 2.67 -11.06 -12.21
C SER A 297 2.79 -12.40 -12.92
N GLN A 298 2.22 -12.48 -14.12
CA GLN A 298 2.09 -13.74 -14.85
C GLN A 298 2.93 -13.70 -16.11
N CYS A 299 3.62 -14.80 -16.39
CA CYS A 299 4.31 -14.99 -17.65
C CYS A 299 3.99 -16.38 -18.19
N LYS A 300 4.06 -16.51 -19.51
CA LYS A 300 3.71 -17.74 -20.21
C LYS A 300 4.97 -18.42 -20.72
N VAL A 301 5.13 -19.70 -20.39
CA VAL A 301 6.25 -20.51 -20.83
C VAL A 301 5.71 -21.60 -21.74
N ILE A 302 6.18 -21.60 -23.00
CA ILE A 302 5.80 -22.61 -23.98
C ILE A 302 7.05 -23.39 -24.35
N ILE A 303 6.92 -24.71 -24.43
CA ILE A 303 8.02 -25.59 -24.79
C ILE A 303 7.57 -26.48 -25.94
N GLU A 304 8.50 -26.81 -26.83
CA GLU A 304 8.25 -27.68 -27.96
C GLU A 304 9.08 -28.95 -27.83
N VAL A 305 8.49 -30.09 -28.17
CA VAL A 305 9.15 -31.37 -28.11
C VAL A 305 9.64 -31.75 -29.50
N LEU A 306 10.84 -32.30 -29.58
CA LEU A 306 11.43 -32.72 -30.85
C LEU A 306 11.25 -34.23 -31.01
N ASP A 307 10.78 -34.63 -32.20
CA ASP A 307 10.54 -36.03 -32.46
C ASP A 307 11.84 -36.80 -32.63
N GLU A 308 11.95 -37.93 -31.94
CA GLU A 308 13.09 -38.83 -32.07
C GLU A 308 12.60 -40.19 -32.55
N ASN A 309 13.41 -40.85 -33.38
CA ASN A 309 13.06 -42.15 -33.96
C ASN A 309 13.13 -43.23 -32.87
N ASP A 310 12.08 -43.26 -32.04
CA ASP A 310 11.95 -44.26 -30.99
C ASP A 310 10.78 -45.21 -31.21
N ASN A 311 10.14 -45.15 -32.37
CA ASN A 311 8.99 -46.00 -32.69
C ASN A 311 9.26 -46.74 -33.99
N ARG A 312 9.33 -48.07 -33.90
CA ARG A 312 9.66 -48.91 -35.05
C ARG A 312 8.45 -49.06 -35.98
N PRO A 313 8.70 -49.27 -37.28
CA PRO A 313 7.58 -49.44 -38.22
C PRO A 313 6.98 -50.84 -38.14
N GLU A 314 5.67 -50.90 -38.33
CA GLU A 314 4.91 -52.15 -38.28
C GLU A 314 4.37 -52.48 -39.66
N ILE A 315 4.48 -53.75 -40.04
CA ILE A 315 3.99 -54.26 -41.32
C ILE A 315 2.61 -54.87 -41.12
N ILE A 316 1.65 -54.44 -41.94
CA ILE A 316 0.27 -54.91 -41.84
C ILE A 316 -0.15 -55.46 -43.21
N ILE A 317 -0.46 -56.75 -43.26
CA ILE A 317 -0.94 -57.39 -44.48
C ILE A 317 -2.46 -57.20 -44.50
N THR A 318 -2.93 -56.24 -45.31
CA THR A 318 -4.36 -55.98 -45.36
C THR A 318 -5.11 -57.10 -46.05
N SER A 319 -4.52 -57.70 -47.08
CA SER A 319 -5.13 -58.81 -47.78
C SER A 319 -4.05 -59.61 -48.48
N LEU A 320 -4.33 -60.89 -48.68
CA LEU A 320 -3.40 -61.78 -49.37
C LEU A 320 -4.19 -62.95 -49.91
N SER A 321 -3.66 -63.58 -50.96
CA SER A 321 -4.33 -64.70 -51.60
C SER A 321 -3.52 -65.96 -51.29
N ASP A 322 -4.16 -66.88 -50.57
CA ASP A 322 -3.49 -68.13 -50.21
C ASP A 322 -3.47 -69.10 -51.38
N GLN A 323 -4.62 -69.34 -52.00
CA GLN A 323 -4.69 -70.26 -53.14
C GLN A 323 -4.30 -69.50 -54.40
N ILE A 324 -3.12 -69.80 -54.93
CA ILE A 324 -2.58 -69.19 -56.13
C ILE A 324 -2.58 -70.21 -57.26
N SER A 325 -3.05 -69.81 -58.43
CA SER A 325 -3.02 -70.69 -59.58
C SER A 325 -1.58 -70.93 -60.01
N GLU A 326 -1.27 -72.17 -60.38
CA GLU A 326 0.10 -72.52 -60.75
C GLU A 326 0.52 -71.92 -62.08
N ASP A 327 -0.43 -71.69 -62.98
CA ASP A 327 -0.14 -71.10 -64.29
C ASP A 327 -0.03 -69.58 -64.25
N SER A 328 0.21 -68.99 -63.08
CA SER A 328 0.25 -67.54 -62.96
C SER A 328 1.40 -66.96 -63.80
N PRO A 329 1.13 -65.99 -64.67
CA PRO A 329 2.18 -65.40 -65.50
C PRO A 329 3.01 -64.39 -64.72
N SER A 330 4.01 -63.83 -65.41
CA SER A 330 4.87 -62.81 -64.83
C SER A 330 4.08 -61.55 -64.54
N GLY A 331 4.30 -60.97 -63.36
CA GLY A 331 3.60 -59.77 -62.95
C GLY A 331 2.31 -60.00 -62.21
N THR A 332 2.00 -61.25 -61.85
CA THR A 332 0.79 -61.55 -61.09
C THR A 332 0.96 -61.15 -59.64
N VAL A 333 -0.06 -60.51 -59.09
CA VAL A 333 -0.02 -60.02 -57.71
C VAL A 333 -0.44 -61.14 -56.78
N VAL A 334 0.39 -61.44 -55.79
CA VAL A 334 0.09 -62.52 -54.85
C VAL A 334 -0.27 -62.02 -53.45
N ALA A 335 0.15 -60.82 -53.05
CA ALA A 335 -0.13 -60.34 -51.71
C ALA A 335 -0.16 -58.82 -51.69
N LEU A 336 -0.83 -58.27 -50.68
CA LEU A 336 -0.92 -56.84 -50.45
C LEU A 336 -0.62 -56.54 -48.99
N PHE A 337 0.13 -55.47 -48.76
CA PHE A 337 0.52 -55.07 -47.41
C PHE A 337 0.89 -53.59 -47.42
N LYS A 338 0.98 -53.02 -46.23
CA LYS A 338 1.41 -51.64 -46.07
C LYS A 338 2.18 -51.52 -44.77
N VAL A 339 2.77 -50.35 -44.57
CA VAL A 339 3.62 -50.09 -43.41
C VAL A 339 3.07 -48.90 -42.66
N ARG A 340 3.25 -48.92 -41.34
CA ARG A 340 2.76 -47.86 -40.47
C ARG A 340 3.86 -47.48 -39.49
N ASP A 341 4.12 -46.18 -39.36
CA ASP A 341 5.16 -45.69 -38.46
C ASP A 341 4.59 -44.55 -37.63
N ARG A 342 4.81 -44.63 -36.31
CA ARG A 342 4.24 -43.65 -35.40
C ARG A 342 4.95 -42.31 -35.45
N ASP A 343 6.24 -42.30 -35.80
CA ASP A 343 7.02 -41.07 -35.81
C ASP A 343 6.57 -40.15 -36.94
N SER A 344 7.24 -39.00 -37.05
CA SER A 344 6.90 -37.99 -38.05
C SER A 344 8.17 -37.49 -38.70
N GLY A 345 8.00 -36.93 -39.90
CA GLY A 345 9.13 -36.36 -40.63
C GLY A 345 9.94 -37.40 -41.36
N GLU A 346 11.26 -37.21 -41.43
CA GLU A 346 12.13 -38.21 -42.03
C GLU A 346 12.12 -39.52 -41.23
N ASN A 347 11.84 -39.42 -39.92
CA ASN A 347 11.70 -40.62 -39.10
C ASN A 347 10.47 -41.44 -39.46
N ALA A 348 9.61 -40.95 -40.36
CA ALA A 348 8.42 -41.68 -40.80
C ALA A 348 8.58 -42.38 -42.14
N GLU A 349 9.43 -41.84 -43.03
CA GLU A 349 9.66 -42.48 -44.32
C GLU A 349 10.31 -43.85 -44.13
N VAL A 350 9.99 -44.77 -45.04
CA VAL A 350 10.36 -46.17 -44.89
C VAL A 350 11.07 -46.66 -46.15
N MET A 351 11.97 -47.62 -45.96
CA MET A 351 12.60 -48.36 -47.05
C MET A 351 12.52 -49.84 -46.70
N CYS A 352 11.93 -50.63 -47.59
CA CYS A 352 11.66 -52.04 -47.32
C CYS A 352 12.22 -52.92 -48.42
N SER A 353 12.52 -54.16 -48.05
CA SER A 353 13.14 -55.13 -48.96
C SER A 353 12.69 -56.53 -48.56
N LEU A 354 12.82 -57.46 -49.50
CA LEU A 354 12.43 -58.85 -49.30
C LEU A 354 13.68 -59.73 -49.22
N SER A 355 13.46 -61.02 -48.96
CA SER A 355 14.56 -61.96 -48.78
C SER A 355 15.41 -62.07 -50.04
N GLY A 356 14.76 -62.21 -51.20
CA GLY A 356 15.44 -62.31 -52.47
C GLY A 356 15.67 -63.72 -52.97
N ASN A 357 15.53 -64.73 -52.10
CA ASN A 357 15.62 -66.11 -52.56
C ASN A 357 14.45 -66.44 -53.48
N ASN A 358 13.27 -65.94 -53.17
CA ASN A 358 12.10 -66.15 -54.00
C ASN A 358 12.23 -65.39 -55.32
N PRO A 359 11.49 -65.81 -56.36
CA PRO A 359 11.39 -64.98 -57.56
C PRO A 359 10.58 -63.72 -57.35
N PHE A 360 9.83 -63.63 -56.25
CA PHE A 360 8.93 -62.50 -56.02
C PHE A 360 9.69 -61.17 -55.98
N LYS A 361 9.00 -60.13 -56.44
CA LYS A 361 9.48 -58.76 -56.36
C LYS A 361 8.37 -57.90 -55.79
N ILE A 362 8.75 -56.80 -55.14
CA ILE A 362 7.83 -55.91 -54.46
C ILE A 362 7.81 -54.57 -55.17
N HIS A 363 6.62 -54.09 -55.48
CA HIS A 363 6.41 -52.77 -56.05
C HIS A 363 5.73 -51.88 -55.02
N SER A 364 5.94 -50.57 -55.17
CA SER A 364 5.33 -49.57 -54.31
C SER A 364 4.24 -48.84 -55.08
N SER A 365 3.04 -48.82 -54.53
CA SER A 365 1.95 -48.04 -55.10
C SER A 365 1.89 -46.67 -54.43
N SER A 366 0.87 -45.89 -54.79
CA SER A 366 0.66 -44.60 -54.14
C SER A 366 0.41 -44.82 -52.65
N ASN A 367 0.54 -43.74 -51.88
CA ASN A 367 0.48 -43.82 -50.42
C ASN A 367 1.63 -44.73 -49.99
N ASN A 368 1.47 -45.45 -48.87
CA ASN A 368 2.49 -46.38 -48.41
C ASN A 368 2.09 -47.83 -48.67
N TYR A 369 1.17 -48.07 -49.58
CA TYR A 369 0.76 -49.43 -49.93
C TYR A 369 1.71 -50.06 -50.94
N TYR A 370 2.13 -51.30 -50.65
CA TYR A 370 3.11 -52.04 -51.42
C TYR A 370 2.53 -53.37 -51.91
N LYS A 371 2.53 -53.58 -53.22
CA LYS A 371 2.06 -54.82 -53.86
C LYS A 371 3.19 -55.82 -54.02
N LEU A 372 2.99 -57.06 -53.54
CA LEU A 372 3.94 -58.16 -53.70
C LEU A 372 3.53 -58.99 -54.91
N VAL A 373 4.35 -58.98 -55.96
CA VAL A 373 4.04 -59.68 -57.20
C VAL A 373 5.13 -60.70 -57.51
N THR A 374 4.83 -61.59 -58.46
CA THR A 374 5.81 -62.52 -58.99
C THR A 374 6.33 -61.99 -60.32
N ASP A 375 7.65 -61.90 -60.44
CA ASP A 375 8.26 -61.34 -61.63
C ASP A 375 8.48 -62.37 -62.73
N SER A 376 8.52 -63.66 -62.39
CA SER A 376 8.77 -64.72 -63.34
C SER A 376 7.78 -65.86 -63.10
N ILE A 377 7.59 -66.66 -64.15
CA ILE A 377 6.73 -67.82 -64.04
C ILE A 377 7.45 -68.88 -63.21
N LEU A 378 6.69 -69.61 -62.40
CA LEU A 378 7.25 -70.61 -61.50
C LEU A 378 6.70 -72.00 -61.80
N ASP A 379 7.51 -73.00 -61.48
CA ASP A 379 7.10 -74.41 -61.52
C ASP A 379 6.86 -74.92 -60.11
N ARG A 380 5.81 -75.73 -59.95
CA ARG A 380 5.49 -76.25 -58.63
C ARG A 380 6.47 -77.33 -58.19
N GLU A 381 7.04 -78.07 -59.16
CA GLU A 381 7.98 -79.14 -58.84
C GLU A 381 9.16 -78.62 -58.03
N GLN A 382 9.59 -77.38 -58.27
CA GLN A 382 10.68 -76.82 -57.49
C GLN A 382 10.27 -76.58 -56.04
N THR A 383 9.20 -75.81 -55.84
CA THR A 383 8.67 -75.58 -54.49
C THR A 383 7.17 -75.31 -54.54
N PRO A 384 6.35 -76.10 -53.84
CA PRO A 384 4.90 -75.86 -53.89
C PRO A 384 4.48 -74.63 -53.11
N GLY A 385 5.13 -74.32 -51.99
CA GLY A 385 4.76 -73.17 -51.19
C GLY A 385 5.96 -72.41 -50.65
N TYR A 386 5.85 -71.08 -50.59
CA TYR A 386 6.93 -70.22 -50.12
C TYR A 386 6.49 -69.47 -48.88
N ASN A 387 7.34 -69.49 -47.86
CA ASN A 387 7.25 -68.54 -46.76
C ASN A 387 8.34 -67.49 -46.96
N VAL A 388 7.94 -66.21 -46.90
CA VAL A 388 8.80 -65.09 -47.21
C VAL A 388 8.96 -64.23 -45.97
N THR A 389 10.20 -63.82 -45.71
CA THR A 389 10.52 -62.89 -44.63
C THR A 389 10.89 -61.56 -45.27
N ILE A 390 10.10 -60.53 -45.01
CA ILE A 390 10.27 -59.20 -45.57
C ILE A 390 10.63 -58.24 -44.43
N THR A 391 11.65 -57.41 -44.67
CA THR A 391 12.15 -56.47 -43.68
C THR A 391 11.80 -55.05 -44.09
N ALA A 392 11.29 -54.27 -43.14
CA ALA A 392 10.97 -52.87 -43.35
C ALA A 392 11.81 -52.05 -42.39
N THR A 393 12.65 -51.19 -42.95
CA THR A 393 13.60 -50.40 -42.17
C THR A 393 13.24 -48.92 -42.24
N ASP A 394 13.44 -48.22 -41.12
CA ASP A 394 13.16 -46.80 -41.04
C ASP A 394 14.25 -46.01 -41.77
N ARG A 395 14.07 -44.69 -41.83
CA ARG A 395 15.03 -43.79 -42.45
C ARG A 395 15.59 -42.75 -41.49
N GLY A 396 15.20 -42.78 -40.22
CA GLY A 396 15.73 -41.87 -39.23
C GLY A 396 16.78 -42.54 -38.36
N LYS A 397 17.62 -41.72 -37.73
CA LYS A 397 18.70 -42.23 -36.89
C LYS A 397 18.25 -42.50 -35.45
N PRO A 398 18.53 -43.73 -34.96
CA PRO A 398 19.08 -44.85 -35.72
C PRO A 398 17.99 -45.71 -36.35
N PRO A 399 18.23 -46.23 -37.54
CA PRO A 399 17.18 -46.94 -38.28
C PRO A 399 16.63 -48.13 -37.49
N LEU A 400 15.30 -48.22 -37.46
CA LEU A 400 14.60 -49.32 -36.82
C LEU A 400 13.97 -50.21 -37.89
N SER A 401 14.25 -51.51 -37.84
CA SER A 401 13.78 -52.45 -38.85
C SER A 401 12.95 -53.53 -38.18
N SER A 402 11.82 -53.85 -38.79
CA SER A 402 10.95 -54.93 -38.34
C SER A 402 10.61 -55.81 -39.53
N SER A 403 10.62 -57.12 -39.32
CA SER A 403 10.45 -58.10 -40.38
C SER A 403 9.26 -59.00 -40.06
N THR A 404 8.62 -59.51 -41.12
CA THR A 404 7.48 -60.41 -40.99
C THR A 404 7.63 -61.58 -41.94
N THR A 405 7.20 -62.76 -41.50
CA THR A 405 7.22 -63.98 -42.30
C THR A 405 5.79 -64.41 -42.60
N ILE A 406 5.52 -64.73 -43.87
CA ILE A 406 4.19 -65.12 -44.30
C ILE A 406 4.30 -66.37 -45.17
N THR A 407 3.23 -67.16 -45.20
CA THR A 407 3.21 -68.42 -45.92
C THR A 407 2.18 -68.37 -47.04
N LEU A 408 2.56 -68.86 -48.22
CA LEU A 408 1.68 -68.94 -49.38
C LEU A 408 1.87 -70.30 -50.05
N ASN A 409 0.77 -70.95 -50.43
CA ASN A 409 0.83 -72.26 -51.04
C ASN A 409 0.02 -72.27 -52.34
N VAL A 410 0.54 -72.94 -53.37
CA VAL A 410 -0.14 -73.04 -54.65
C VAL A 410 -0.36 -74.50 -54.99
N ALA A 411 -1.55 -74.82 -55.52
CA ALA A 411 -1.90 -76.17 -55.94
C ALA A 411 -2.39 -76.12 -57.38
N ASP A 412 -1.91 -77.07 -58.19
CA ASP A 412 -2.25 -77.13 -59.61
C ASP A 412 -3.26 -78.27 -59.83
N VAL A 413 -4.52 -77.89 -60.10
CA VAL A 413 -5.53 -78.87 -60.45
C VAL A 413 -6.25 -78.45 -61.73
N GLN B 1 -5.47 -41.05 -59.98
CA GLN B 1 -6.62 -40.24 -59.57
C GLN B 1 -7.46 -40.96 -58.51
N PRO B 2 -7.29 -40.59 -57.24
CA PRO B 2 -8.09 -41.19 -56.18
C PRO B 2 -9.39 -40.45 -55.94
N VAL B 3 -10.46 -41.22 -55.80
CA VAL B 3 -11.79 -40.64 -55.61
C VAL B 3 -11.87 -39.97 -54.24
N ARG B 4 -12.51 -38.81 -54.20
CA ARG B 4 -12.58 -37.99 -53.00
C ARG B 4 -14.04 -37.79 -52.60
N TYR B 5 -14.30 -37.83 -51.30
CA TYR B 5 -15.63 -37.60 -50.74
C TYR B 5 -15.51 -36.65 -49.56
N SER B 6 -16.65 -36.05 -49.19
CA SER B 6 -16.73 -35.13 -48.06
C SER B 6 -17.89 -35.55 -47.16
N ILE B 7 -17.68 -35.50 -45.85
CA ILE B 7 -18.72 -35.94 -44.92
C ILE B 7 -18.60 -35.21 -43.59
N PRO B 8 -19.70 -34.69 -43.04
CA PRO B 8 -19.64 -34.13 -41.69
C PRO B 8 -19.47 -35.22 -40.63
N GLU B 9 -18.77 -34.88 -39.56
CA GLU B 9 -18.45 -35.83 -38.52
C GLU B 9 -19.71 -36.27 -37.76
N GLU B 10 -19.52 -37.24 -36.87
CA GLU B 10 -20.53 -37.67 -35.90
C GLU B 10 -21.80 -38.16 -36.58
N LEU B 11 -21.69 -38.76 -37.76
CA LEU B 11 -22.88 -39.24 -38.44
C LEU B 11 -23.34 -40.57 -37.86
N ASP B 12 -24.63 -40.86 -38.05
CA ASP B 12 -25.23 -42.10 -37.57
C ASP B 12 -24.73 -43.29 -38.39
N ARG B 13 -24.81 -44.47 -37.77
CA ARG B 13 -24.40 -45.69 -38.46
C ARG B 13 -25.35 -46.00 -39.60
N GLY B 14 -24.80 -46.45 -40.72
CA GLY B 14 -25.58 -46.68 -41.92
C GLY B 14 -25.71 -45.48 -42.82
N SER B 15 -25.01 -44.38 -42.52
CA SER B 15 -25.05 -43.21 -43.38
C SER B 15 -24.21 -43.45 -44.63
N VAL B 16 -24.60 -42.81 -45.72
CA VAL B 16 -23.98 -43.01 -47.02
C VAL B 16 -22.89 -41.96 -47.19
N VAL B 17 -21.64 -42.42 -47.17
CA VAL B 17 -20.52 -41.52 -47.45
C VAL B 17 -20.50 -41.14 -48.92
N GLY B 18 -20.56 -42.13 -49.79
CA GLY B 18 -20.56 -41.90 -51.22
C GLY B 18 -20.84 -43.19 -51.96
N LYS B 19 -21.14 -43.05 -53.24
CA LYS B 19 -21.44 -44.18 -54.11
C LYS B 19 -20.15 -44.54 -54.84
N LEU B 20 -19.25 -45.21 -54.10
CA LEU B 20 -17.93 -45.51 -54.63
C LEU B 20 -17.97 -46.58 -55.71
N ALA B 21 -18.84 -47.58 -55.57
CA ALA B 21 -18.90 -48.63 -56.58
C ALA B 21 -19.37 -48.09 -57.93
N LYS B 22 -20.43 -47.26 -57.93
CA LYS B 22 -20.87 -46.65 -59.18
C LYS B 22 -19.84 -45.66 -59.72
N ASP B 23 -19.07 -45.02 -58.82
CA ASP B 23 -18.02 -44.12 -59.28
C ASP B 23 -16.87 -44.89 -59.92
N LEU B 24 -16.59 -46.10 -59.43
CA LEU B 24 -15.57 -46.96 -60.01
C LEU B 24 -16.09 -47.91 -61.08
N GLY B 25 -17.41 -48.01 -61.25
CA GLY B 25 -17.97 -48.86 -62.29
C GLY B 25 -17.88 -50.36 -62.06
N LEU B 26 -17.84 -50.80 -60.80
CA LEU B 26 -17.73 -52.23 -60.52
C LEU B 26 -19.07 -52.95 -60.67
N SER B 27 -20.17 -52.32 -60.22
CA SER B 27 -21.52 -52.88 -60.26
C SER B 27 -21.70 -53.97 -59.21
N VAL B 28 -22.96 -54.28 -58.91
CA VAL B 28 -23.30 -55.23 -57.84
C VAL B 28 -22.67 -56.60 -58.11
N LEU B 29 -22.58 -56.99 -59.38
CA LEU B 29 -21.99 -58.30 -59.69
C LEU B 29 -20.55 -58.40 -59.24
N GLU B 30 -19.75 -57.36 -59.49
CA GLU B 30 -18.36 -57.40 -59.04
C GLU B 30 -18.24 -57.17 -57.54
N VAL B 31 -19.07 -56.29 -56.98
CA VAL B 31 -19.00 -56.04 -55.54
C VAL B 31 -19.33 -57.31 -54.76
N SER B 32 -20.29 -58.10 -55.26
CA SER B 32 -20.65 -59.34 -54.58
C SER B 32 -19.65 -60.45 -54.86
N ALA B 33 -19.32 -60.67 -56.14
CA ALA B 33 -18.42 -61.77 -56.49
C ALA B 33 -17.01 -61.53 -55.98
N ARG B 34 -16.41 -60.41 -56.39
CA ARG B 34 -15.08 -60.03 -55.92
C ARG B 34 -15.22 -59.40 -54.54
N LYS B 35 -14.72 -60.10 -53.52
CA LYS B 35 -14.82 -59.65 -52.15
C LYS B 35 -14.27 -58.24 -51.98
N LEU B 36 -15.17 -57.27 -51.79
CA LEU B 36 -14.83 -55.86 -51.73
C LEU B 36 -14.73 -55.45 -50.28
N ARG B 37 -13.54 -55.05 -49.84
CA ARG B 37 -13.30 -54.64 -48.47
C ARG B 37 -12.85 -53.19 -48.44
N VAL B 38 -13.49 -52.38 -47.59
CA VAL B 38 -13.09 -51.00 -47.38
C VAL B 38 -12.32 -50.94 -46.07
N SER B 39 -11.08 -50.46 -46.14
CA SER B 39 -10.21 -50.48 -44.97
C SER B 39 -9.64 -49.09 -44.72
N ALA B 40 -9.55 -48.75 -43.44
CA ALA B 40 -8.81 -47.60 -42.96
C ALA B 40 -8.12 -47.97 -41.66
N GLU B 41 -7.14 -47.16 -41.27
CA GLU B 41 -6.44 -47.38 -40.02
C GLU B 41 -7.28 -46.91 -38.84
N LYS B 42 -7.64 -47.85 -37.96
CA LYS B 42 -8.39 -47.57 -36.74
C LYS B 42 -9.81 -47.09 -37.05
N LEU B 43 -10.44 -47.66 -38.08
CA LEU B 43 -11.79 -47.27 -38.43
C LEU B 43 -12.45 -48.40 -39.22
N HIS B 44 -13.79 -48.36 -39.24
CA HIS B 44 -14.59 -49.40 -39.87
C HIS B 44 -15.57 -48.80 -40.87
N PHE B 45 -15.73 -49.48 -42.00
CA PHE B 45 -16.73 -49.15 -42.99
C PHE B 45 -17.31 -50.45 -43.55
N SER B 46 -18.49 -50.35 -44.15
CA SER B 46 -19.21 -51.51 -44.65
C SER B 46 -19.84 -51.19 -46.00
N VAL B 47 -19.99 -52.24 -46.82
CA VAL B 47 -20.66 -52.13 -48.11
C VAL B 47 -21.74 -53.19 -48.17
N ASP B 48 -22.99 -52.78 -48.29
CA ASP B 48 -24.09 -53.72 -48.41
C ASP B 48 -24.21 -54.19 -49.84
N SER B 49 -24.41 -55.50 -50.01
CA SER B 49 -24.38 -56.09 -51.35
C SER B 49 -25.49 -55.57 -52.24
N GLU B 50 -26.64 -55.20 -51.66
CA GLU B 50 -27.79 -54.80 -52.46
C GLU B 50 -27.54 -53.47 -53.16
N SER B 51 -27.09 -52.45 -52.42
CA SER B 51 -26.83 -51.15 -53.02
C SER B 51 -25.39 -50.98 -53.46
N GLY B 52 -24.45 -51.68 -52.84
CA GLY B 52 -23.05 -51.59 -53.23
C GLY B 52 -22.50 -50.19 -53.05
N ASP B 53 -22.64 -49.63 -51.85
CA ASP B 53 -22.21 -48.28 -51.57
C ASP B 53 -21.38 -48.25 -50.29
N LEU B 54 -20.78 -47.10 -50.02
CA LEU B 54 -19.96 -46.91 -48.82
C LEU B 54 -20.85 -46.49 -47.66
N LEU B 55 -20.85 -47.28 -46.60
CA LEU B 55 -21.64 -47.01 -45.41
C LEU B 55 -20.72 -46.99 -44.20
N VAL B 56 -21.06 -46.12 -43.25
CA VAL B 56 -20.28 -46.00 -42.02
C VAL B 56 -20.63 -47.14 -41.08
N LYS B 57 -19.62 -47.60 -40.32
CA LYS B 57 -19.82 -48.61 -39.31
C LYS B 57 -19.44 -48.15 -37.91
N ASP B 58 -18.63 -47.09 -37.79
CA ASP B 58 -18.23 -46.54 -36.50
C ASP B 58 -18.52 -45.05 -36.50
N ARG B 59 -19.12 -44.57 -35.42
CA ARG B 59 -19.28 -43.13 -35.25
C ARG B 59 -17.90 -42.49 -35.20
N ILE B 60 -17.67 -41.53 -36.08
CA ILE B 60 -16.35 -40.95 -36.27
C ILE B 60 -16.32 -39.56 -35.64
N ASP B 61 -15.31 -39.30 -34.83
CA ASP B 61 -15.13 -38.02 -34.15
C ASP B 61 -13.90 -37.35 -34.75
N ARG B 62 -14.12 -36.21 -35.40
CA ARG B 62 -13.01 -35.52 -36.06
C ARG B 62 -11.96 -35.10 -35.04
N GLU B 63 -12.38 -34.65 -33.86
CA GLU B 63 -11.44 -34.24 -32.82
C GLU B 63 -10.66 -35.43 -32.26
N GLN B 64 -11.18 -36.64 -32.40
CA GLN B 64 -10.53 -37.82 -31.83
C GLN B 64 -9.35 -38.28 -32.70
N ILE B 65 -9.53 -38.29 -34.01
CA ILE B 65 -8.49 -38.79 -34.92
C ILE B 65 -7.57 -37.68 -35.43
N CYS B 66 -8.01 -36.42 -35.41
CA CYS B 66 -7.26 -35.31 -35.97
C CYS B 66 -6.70 -34.33 -34.96
N LYS B 67 -7.40 -34.12 -33.83
CA LYS B 67 -7.13 -33.06 -32.87
C LYS B 67 -6.83 -31.73 -33.59
N GLY B 68 -5.73 -31.08 -33.24
CA GLY B 68 -5.44 -29.74 -33.73
C GLY B 68 -5.02 -29.64 -35.18
N ARG B 69 -4.94 -30.75 -35.92
CA ARG B 69 -4.48 -30.71 -37.30
C ARG B 69 -5.38 -29.80 -38.15
N ARG B 70 -4.75 -29.15 -39.13
CA ARG B 70 -5.46 -28.16 -39.95
C ARG B 70 -6.61 -28.80 -40.73
N LYS B 71 -6.34 -29.91 -41.41
CA LYS B 71 -7.35 -30.55 -42.26
C LYS B 71 -7.34 -32.06 -42.01
N CYS B 72 -8.49 -32.68 -42.27
CA CYS B 72 -8.69 -34.10 -42.00
C CYS B 72 -8.99 -34.84 -43.29
N GLU B 73 -8.10 -35.75 -43.66
CA GLU B 73 -8.28 -36.61 -44.82
C GLU B 73 -7.99 -38.05 -44.41
N LEU B 74 -9.04 -38.85 -44.30
CA LEU B 74 -8.89 -40.28 -44.06
C LEU B 74 -8.60 -40.95 -45.40
N GLN B 75 -7.52 -41.74 -45.43
CA GLN B 75 -7.09 -42.43 -46.64
C GLN B 75 -7.66 -43.84 -46.61
N LEU B 76 -8.89 -43.98 -47.09
CA LEU B 76 -9.51 -45.29 -47.23
C LEU B 76 -8.90 -46.03 -48.42
N GLU B 77 -9.08 -47.34 -48.43
CA GLU B 77 -8.70 -48.15 -49.58
C GLU B 77 -9.72 -49.26 -49.77
N ALA B 78 -9.78 -49.77 -51.00
CA ALA B 78 -10.70 -50.85 -51.34
C ALA B 78 -9.90 -52.04 -51.87
N VAL B 79 -10.32 -53.23 -51.48
CA VAL B 79 -9.65 -54.47 -51.84
C VAL B 79 -10.63 -55.35 -52.60
N LEU B 80 -10.16 -55.91 -53.72
CA LEU B 80 -10.86 -56.89 -54.50
C LEU B 80 -10.02 -58.16 -54.56
N GLU B 81 -10.67 -59.29 -54.81
CA GLU B 81 -10.00 -60.59 -54.77
C GLU B 81 -10.35 -61.41 -56.00
N ASN B 82 -9.39 -62.23 -56.42
CA ASN B 82 -9.45 -63.07 -57.62
C ASN B 82 -10.24 -62.48 -58.79
N PRO B 83 -9.63 -61.53 -59.52
CA PRO B 83 -8.29 -60.96 -59.29
C PRO B 83 -8.26 -59.96 -58.15
N LEU B 84 -7.15 -59.92 -57.42
CA LEU B 84 -7.02 -59.07 -56.24
C LEU B 84 -6.39 -57.73 -56.62
N ASN B 85 -6.93 -56.64 -56.07
CA ASN B 85 -6.46 -55.31 -56.44
C ASN B 85 -6.79 -54.34 -55.32
N ILE B 86 -6.07 -53.22 -55.32
CA ILE B 86 -6.18 -52.19 -54.28
C ILE B 86 -6.48 -50.85 -54.91
N PHE B 87 -7.41 -50.10 -54.30
CA PHE B 87 -7.82 -48.79 -54.78
C PHE B 87 -7.71 -47.77 -53.65
N HIS B 88 -7.36 -46.53 -54.00
CA HIS B 88 -7.15 -45.46 -53.03
C HIS B 88 -8.33 -44.50 -53.03
N VAL B 89 -8.82 -44.17 -51.84
CA VAL B 89 -9.90 -43.21 -51.64
C VAL B 89 -9.49 -42.20 -50.59
N VAL B 90 -9.89 -40.94 -50.78
CA VAL B 90 -9.61 -39.86 -49.85
C VAL B 90 -10.94 -39.27 -49.38
N VAL B 91 -11.12 -39.16 -48.07
CA VAL B 91 -12.36 -38.66 -47.48
C VAL B 91 -12.04 -37.51 -46.52
N GLU B 92 -12.63 -36.36 -46.77
CA GLU B 92 -12.47 -35.21 -45.88
C GLU B 92 -13.65 -35.12 -44.92
N ILE B 93 -13.34 -34.86 -43.66
CA ILE B 93 -14.33 -34.77 -42.59
C ILE B 93 -14.58 -33.30 -42.32
N GLU B 94 -15.79 -32.83 -42.62
CA GLU B 94 -16.17 -31.46 -42.33
C GLU B 94 -16.48 -31.29 -40.84
N ASP B 95 -15.94 -30.23 -40.24
CA ASP B 95 -16.14 -29.99 -38.83
C ASP B 95 -17.56 -29.52 -38.54
N VAL B 96 -18.12 -29.98 -37.43
CA VAL B 96 -19.43 -29.57 -36.96
C VAL B 96 -19.27 -29.01 -35.55
N ASN B 97 -19.85 -27.84 -35.31
CA ASN B 97 -19.73 -27.15 -34.02
C ASN B 97 -20.55 -27.90 -32.98
N ASP B 98 -19.97 -28.99 -32.46
CA ASP B 98 -20.61 -29.78 -31.41
C ASP B 98 -19.94 -29.66 -30.06
N HIS B 99 -18.69 -29.20 -30.01
CA HIS B 99 -17.95 -29.00 -28.76
C HIS B 99 -18.04 -27.53 -28.36
N ALA B 100 -18.77 -27.25 -27.29
CA ALA B 100 -18.85 -25.90 -26.77
C ALA B 100 -17.54 -25.53 -26.07
N PRO B 101 -17.15 -24.26 -26.12
CA PRO B 101 -15.97 -23.83 -25.37
C PRO B 101 -16.24 -23.94 -23.87
N GLN B 102 -15.29 -24.54 -23.16
CA GLN B 102 -15.41 -24.67 -21.71
C GLN B 102 -14.09 -24.35 -21.06
N PHE B 103 -14.14 -23.60 -19.97
CA PHE B 103 -12.95 -23.23 -19.22
C PHE B 103 -12.48 -24.38 -18.34
N PRO B 104 -11.18 -24.46 -18.07
CA PRO B 104 -10.67 -25.58 -17.25
C PRO B 104 -11.35 -25.76 -15.90
N LYS B 105 -11.73 -24.67 -15.23
CA LYS B 105 -12.38 -24.75 -13.94
C LYS B 105 -13.59 -23.82 -13.88
N ASP B 106 -14.65 -24.30 -13.24
CA ASP B 106 -15.87 -23.52 -13.10
C ASP B 106 -15.68 -22.31 -12.18
N GLU B 107 -14.94 -22.48 -11.10
CA GLU B 107 -14.75 -21.44 -10.09
C GLU B 107 -13.32 -20.93 -10.12
N ILE B 108 -13.18 -19.61 -10.24
CA ILE B 108 -11.87 -18.96 -10.28
C ILE B 108 -11.76 -18.03 -9.09
N ASN B 109 -10.80 -18.30 -8.21
CA ASN B 109 -10.55 -17.49 -7.03
C ASN B 109 -9.26 -16.71 -7.21
N LEU B 110 -9.33 -15.38 -7.10
CA LEU B 110 -8.18 -14.52 -7.26
C LEU B 110 -8.04 -13.60 -6.05
N GLU B 111 -6.80 -13.37 -5.64
CA GLU B 111 -6.48 -12.46 -4.55
C GLU B 111 -5.62 -11.33 -5.10
N ILE B 112 -6.15 -10.10 -5.06
CA ILE B 112 -5.49 -8.93 -5.60
C ILE B 112 -5.23 -7.94 -4.47
N SER B 113 -4.05 -7.33 -4.49
CA SER B 113 -3.69 -6.34 -3.49
C SER B 113 -4.37 -5.01 -3.79
N GLU B 114 -4.89 -4.38 -2.75
CA GLU B 114 -5.52 -3.07 -2.89
C GLU B 114 -4.56 -2.05 -3.47
N SER B 115 -3.28 -2.14 -3.10
CA SER B 115 -2.27 -1.17 -3.53
C SER B 115 -1.84 -1.34 -4.99
N ASP B 116 -2.46 -2.26 -5.73
CA ASP B 116 -2.06 -2.49 -7.12
C ASP B 116 -2.30 -1.23 -7.93
N SER B 117 -1.32 -0.91 -8.79
CA SER B 117 -1.41 0.31 -9.58
C SER B 117 -2.48 0.16 -10.67
N PRO B 118 -3.19 1.23 -11.01
CA PRO B 118 -4.15 1.17 -12.12
C PRO B 118 -3.44 1.00 -13.44
N GLY B 119 -4.09 0.29 -14.36
CA GLY B 119 -3.51 -0.03 -15.64
C GLY B 119 -2.75 -1.35 -15.69
N ALA B 120 -2.73 -2.10 -14.60
CA ALA B 120 -2.02 -3.38 -14.58
C ALA B 120 -2.80 -4.43 -15.36
N ARG B 121 -2.09 -5.49 -15.75
CA ARG B 121 -2.66 -6.58 -16.53
C ARG B 121 -2.42 -7.90 -15.80
N THR B 122 -3.45 -8.75 -15.81
CA THR B 122 -3.36 -10.06 -15.17
C THR B 122 -3.95 -11.11 -16.11
N ILE B 123 -3.11 -12.05 -16.55
CA ILE B 123 -3.54 -13.08 -17.48
C ILE B 123 -4.37 -14.12 -16.74
N LEU B 124 -5.41 -14.61 -17.41
CA LEU B 124 -6.28 -15.65 -16.87
C LEU B 124 -6.17 -16.90 -17.73
N GLU B 125 -6.65 -18.01 -17.16
CA GLU B 125 -6.63 -19.29 -17.87
C GLU B 125 -7.50 -19.22 -19.11
N SER B 126 -6.95 -19.64 -20.25
CA SER B 126 -7.69 -19.60 -21.50
C SER B 126 -8.67 -20.76 -21.59
N ALA B 127 -9.73 -20.55 -22.37
CA ALA B 127 -10.72 -21.59 -22.59
C ALA B 127 -10.21 -22.57 -23.65
N LYS B 128 -10.81 -23.76 -23.65
CA LYS B 128 -10.45 -24.83 -24.56
C LYS B 128 -11.61 -25.13 -25.49
N ASP B 129 -11.35 -25.11 -26.79
CA ASP B 129 -12.33 -25.45 -27.81
C ASP B 129 -11.72 -26.51 -28.71
N LEU B 130 -12.25 -27.73 -28.65
CA LEU B 130 -11.73 -28.82 -29.47
C LEU B 130 -12.01 -28.59 -30.94
N ASP B 131 -13.05 -27.82 -31.27
CA ASP B 131 -13.35 -27.53 -32.66
C ASP B 131 -12.23 -26.73 -33.32
N ILE B 132 -12.03 -26.96 -34.61
CA ILE B 132 -10.94 -26.35 -35.36
C ILE B 132 -11.53 -25.52 -36.49
N GLY B 133 -10.92 -24.38 -36.76
CA GLY B 133 -11.32 -23.54 -37.89
C GLY B 133 -12.33 -22.49 -37.46
N MET B 134 -13.44 -22.42 -38.20
CA MET B 134 -14.49 -21.46 -37.88
C MET B 134 -15.09 -21.74 -36.51
N ASN B 135 -15.44 -23.00 -36.24
CA ASN B 135 -16.09 -23.39 -35.00
C ASN B 135 -15.21 -23.24 -33.77
N SER B 136 -13.94 -22.85 -33.92
CA SER B 136 -13.08 -22.65 -32.78
C SER B 136 -13.48 -21.37 -32.02
N LEU B 137 -12.83 -21.16 -30.89
CA LEU B 137 -13.09 -19.99 -30.06
C LEU B 137 -12.88 -18.70 -30.86
N SER B 138 -13.76 -17.73 -30.62
CA SER B 138 -13.75 -16.49 -31.38
C SER B 138 -13.51 -15.25 -30.52
N LYS B 139 -14.18 -15.12 -29.38
CA LYS B 139 -14.07 -13.89 -28.61
C LYS B 139 -14.33 -14.15 -27.13
N TYR B 140 -13.74 -13.29 -26.30
CA TYR B 140 -13.97 -13.27 -24.86
C TYR B 140 -14.67 -11.98 -24.48
N GLN B 141 -15.68 -12.08 -23.61
CA GLN B 141 -16.32 -10.90 -23.07
C GLN B 141 -16.79 -11.18 -21.65
N LEU B 142 -16.80 -10.13 -20.82
CA LEU B 142 -17.14 -10.24 -19.41
C LEU B 142 -18.28 -9.27 -19.11
N SER B 143 -18.89 -9.46 -17.96
CA SER B 143 -19.93 -8.53 -17.52
C SER B 143 -19.33 -7.14 -17.30
N PRO B 144 -20.03 -6.08 -17.70
CA PRO B 144 -19.44 -4.73 -17.61
C PRO B 144 -19.43 -4.21 -16.18
N ASN B 145 -18.30 -3.65 -15.77
CA ASN B 145 -18.14 -3.07 -14.45
C ASN B 145 -17.21 -1.86 -14.55
N ASP B 146 -17.28 -0.99 -13.55
CA ASP B 146 -16.49 0.26 -13.60
C ASP B 146 -15.01 0.01 -13.37
N TYR B 147 -14.67 -0.93 -12.49
CA TYR B 147 -13.27 -1.09 -12.13
C TYR B 147 -12.47 -1.76 -13.23
N PHE B 148 -13.00 -2.83 -13.82
CA PHE B 148 -12.24 -3.70 -14.69
C PHE B 148 -12.65 -3.57 -16.16
N LEU B 149 -11.67 -3.75 -17.03
CA LEU B 149 -11.86 -3.88 -18.47
C LEU B 149 -11.12 -5.12 -18.93
N LEU B 150 -11.62 -5.75 -19.98
CA LEU B 150 -11.09 -7.02 -20.44
C LEU B 150 -10.37 -6.85 -21.77
N LEU B 151 -9.24 -7.54 -21.90
CA LEU B 151 -8.48 -7.60 -23.14
C LEU B 151 -8.31 -9.06 -23.54
N VAL B 152 -8.25 -9.32 -24.83
CA VAL B 152 -8.07 -10.65 -25.37
C VAL B 152 -6.82 -10.66 -26.23
N LYS B 153 -5.87 -11.53 -25.88
CA LYS B 153 -4.61 -11.60 -26.60
C LYS B 153 -4.28 -13.06 -26.91
N ASP B 154 -3.50 -13.26 -27.96
CA ASP B 154 -3.19 -14.61 -28.44
C ASP B 154 -1.77 -14.99 -28.06
N ASN B 155 -1.62 -16.19 -27.49
CA ASN B 155 -0.33 -16.78 -27.20
C ASN B 155 0.19 -17.51 -28.44
N PRO B 156 1.47 -17.89 -28.46
CA PRO B 156 2.06 -18.43 -29.70
C PRO B 156 1.33 -19.61 -30.31
N ASP B 157 0.65 -20.45 -29.52
CA ASP B 157 0.03 -21.65 -30.09
C ASP B 157 -1.22 -21.34 -30.91
N GLY B 158 -1.68 -20.10 -30.94
CA GLY B 158 -2.82 -19.72 -31.74
C GLY B 158 -4.12 -19.61 -30.97
N SER B 159 -4.15 -20.06 -29.72
CA SER B 159 -5.33 -19.92 -28.88
C SER B 159 -5.47 -18.49 -28.39
N LYS B 160 -6.67 -18.16 -27.91
CA LYS B 160 -6.95 -16.85 -27.36
C LYS B 160 -7.04 -16.96 -25.85
N TYR B 161 -6.25 -16.14 -25.14
CA TYR B 161 -6.33 -16.06 -23.70
C TYR B 161 -6.78 -14.68 -23.27
N PRO B 162 -7.61 -14.60 -22.23
CA PRO B 162 -8.08 -13.30 -21.73
C PRO B 162 -7.24 -12.78 -20.57
N GLU B 163 -6.97 -11.48 -20.58
CA GLU B 163 -6.27 -10.83 -19.49
C GLU B 163 -7.06 -9.60 -19.06
N LEU B 164 -6.94 -9.27 -17.77
CA LEU B 164 -7.70 -8.19 -17.16
C LEU B 164 -6.82 -6.95 -17.05
N GLU B 165 -7.37 -5.81 -17.46
CA GLU B 165 -6.73 -4.50 -17.35
C GLU B 165 -7.61 -3.62 -16.47
N LEU B 166 -7.01 -3.05 -15.43
CA LEU B 166 -7.75 -2.30 -14.43
C LEU B 166 -7.69 -0.81 -14.75
N GLN B 167 -8.86 -0.16 -14.78
CA GLN B 167 -8.94 1.27 -15.06
C GLN B 167 -8.85 2.12 -13.79
N LYS B 168 -9.51 1.69 -12.72
CA LYS B 168 -9.54 2.42 -11.46
C LYS B 168 -9.02 1.51 -10.35
N MET B 169 -8.16 2.07 -9.50
CA MET B 169 -7.57 1.30 -8.41
C MET B 169 -8.65 0.88 -7.42
N LEU B 170 -8.46 -0.32 -6.84
CA LEU B 170 -9.44 -0.89 -5.94
C LEU B 170 -9.27 -0.33 -4.53
N ASP B 171 -10.23 -0.64 -3.67
CA ASP B 171 -10.22 -0.17 -2.28
C ASP B 171 -11.14 -1.11 -1.50
N ARG B 172 -10.54 -2.00 -0.71
CA ARG B 172 -11.35 -2.96 0.03
C ARG B 172 -12.05 -2.33 1.21
N GLU B 173 -11.58 -1.19 1.71
CA GLU B 173 -12.29 -0.46 2.74
C GLU B 173 -13.63 0.09 2.23
N ALA B 174 -13.84 0.06 0.92
CA ALA B 174 -15.14 0.37 0.32
C ALA B 174 -15.91 -0.89 0.00
N GLU B 175 -15.35 -1.77 -0.84
CA GLU B 175 -15.95 -3.07 -1.14
C GLU B 175 -14.86 -4.12 -1.09
N SER B 176 -15.06 -5.13 -0.24
CA SER B 176 -14.00 -6.10 0.02
C SER B 176 -13.85 -7.08 -1.13
N THR B 177 -14.95 -7.67 -1.60
CA THR B 177 -14.91 -8.73 -2.59
C THR B 177 -15.77 -8.39 -3.80
N HIS B 178 -15.32 -8.85 -4.96
CA HIS B 178 -16.03 -8.67 -6.22
C HIS B 178 -16.28 -10.02 -6.86
N HIS B 179 -17.42 -10.13 -7.56
CA HIS B 179 -17.78 -11.33 -8.29
C HIS B 179 -18.06 -10.94 -9.74
N LEU B 180 -17.48 -11.69 -10.68
CA LEU B 180 -17.61 -11.33 -12.08
C LEU B 180 -17.90 -12.57 -12.92
N MET B 181 -18.33 -12.31 -14.15
CA MET B 181 -18.71 -13.33 -15.12
C MET B 181 -17.76 -13.28 -16.29
N LEU B 182 -17.16 -14.42 -16.63
CA LEU B 182 -16.27 -14.52 -17.78
C LEU B 182 -16.91 -15.42 -18.82
N THR B 183 -17.00 -14.93 -20.06
CA THR B 183 -17.70 -15.64 -21.13
C THR B 183 -16.80 -15.79 -22.34
N ALA B 184 -16.83 -16.98 -22.95
CA ALA B 184 -16.10 -17.28 -24.17
C ALA B 184 -17.07 -17.78 -25.23
N VAL B 185 -17.03 -17.17 -26.41
CA VAL B 185 -17.94 -17.48 -27.50
C VAL B 185 -17.13 -17.90 -28.72
N ASP B 186 -17.59 -18.95 -29.39
CA ASP B 186 -16.99 -19.43 -30.63
C ASP B 186 -17.78 -18.91 -31.82
N GLY B 187 -17.10 -18.87 -32.97
CA GLY B 187 -17.72 -18.36 -34.18
C GLY B 187 -18.38 -19.43 -35.02
N GLY B 188 -19.63 -19.76 -34.70
CA GLY B 188 -20.33 -20.78 -35.45
C GLY B 188 -21.83 -20.57 -35.37
N ASP B 189 -22.55 -21.39 -36.13
CA ASP B 189 -24.02 -21.37 -36.11
C ASP B 189 -24.55 -22.71 -35.64
N PRO B 190 -25.16 -22.73 -34.45
CA PRO B 190 -25.36 -21.58 -33.57
C PRO B 190 -24.16 -21.32 -32.66
N PRO B 191 -24.00 -20.10 -32.18
CA PRO B 191 -22.87 -19.80 -31.29
C PRO B 191 -23.06 -20.44 -29.93
N ARG B 192 -21.96 -20.95 -29.37
CA ARG B 192 -21.95 -21.54 -28.04
C ARG B 192 -21.07 -20.70 -27.12
N THR B 193 -21.46 -20.65 -25.85
CA THR B 193 -20.75 -19.84 -24.86
C THR B 193 -20.40 -20.70 -23.66
N GLY B 194 -19.14 -20.62 -23.23
CA GLY B 194 -18.70 -21.21 -21.97
C GLY B 194 -18.44 -20.10 -20.96
N THR B 195 -19.06 -20.23 -19.80
CA THR B 195 -19.05 -19.19 -18.79
C THR B 195 -18.47 -19.73 -17.49
N THR B 196 -17.57 -18.96 -16.89
CA THR B 196 -17.00 -19.26 -15.59
C THR B 196 -17.06 -17.99 -14.73
N GLN B 197 -17.61 -18.11 -13.53
CA GLN B 197 -17.67 -16.99 -12.61
C GLN B 197 -16.35 -16.90 -11.84
N LEU B 198 -15.72 -15.73 -11.90
CA LEU B 198 -14.46 -15.50 -11.19
C LEU B 198 -14.73 -14.68 -9.94
N ARG B 199 -14.15 -15.11 -8.83
CA ARG B 199 -14.30 -14.46 -7.54
C ARG B 199 -12.99 -13.77 -7.18
N ILE B 200 -13.05 -12.44 -7.03
CA ILE B 200 -11.88 -11.62 -6.70
C ILE B 200 -12.02 -11.18 -5.25
N ARG B 201 -10.98 -11.44 -4.46
CA ARG B 201 -10.92 -10.97 -3.08
C ARG B 201 -9.79 -9.95 -2.99
N VAL B 202 -10.11 -8.75 -2.55
CA VAL B 202 -9.12 -7.69 -2.43
C VAL B 202 -8.44 -7.82 -1.07
N VAL B 203 -7.11 -7.90 -1.09
CA VAL B 203 -6.33 -8.08 0.11
C VAL B 203 -5.87 -6.73 0.62
N ASP B 204 -5.83 -6.58 1.94
CA ASP B 204 -5.57 -5.29 2.55
C ASP B 204 -4.14 -4.82 2.26
N ALA B 205 -4.02 -3.52 2.00
CA ALA B 205 -2.73 -2.85 1.85
C ALA B 205 -2.58 -1.84 2.99
N ASN B 206 -1.46 -1.13 2.98
CA ASN B 206 -1.17 -0.12 4.00
C ASN B 206 -1.25 1.26 3.37
N ASP B 207 -2.48 1.67 3.02
CA ASP B 207 -2.73 2.98 2.44
C ASP B 207 -3.58 3.89 3.32
N ASN B 208 -4.08 3.39 4.46
CA ASN B 208 -4.90 4.17 5.36
C ASN B 208 -4.14 4.43 6.66
N ARG B 209 -3.88 5.70 6.97
CA ARG B 209 -3.26 6.05 8.23
C ARG B 209 -4.27 5.99 9.36
N PRO B 210 -3.84 5.66 10.58
CA PRO B 210 -4.75 5.71 11.73
C PRO B 210 -5.09 7.15 12.09
N VAL B 211 -6.37 7.38 12.40
CA VAL B 211 -6.90 8.71 12.64
C VAL B 211 -7.60 8.74 13.99
N PHE B 212 -7.40 9.84 14.73
CA PHE B 212 -8.07 10.06 16.00
C PHE B 212 -9.52 10.47 15.77
N SER B 213 -10.33 10.31 16.83
CA SER B 213 -11.74 10.70 16.73
C SER B 213 -11.87 12.21 16.53
N GLN B 214 -11.08 13.01 17.25
CA GLN B 214 -11.10 14.45 17.11
C GLN B 214 -9.69 14.97 16.85
N ASP B 215 -9.61 16.12 16.19
CA ASP B 215 -8.31 16.75 15.93
C ASP B 215 -7.79 17.48 17.15
N VAL B 216 -8.67 18.09 17.94
CA VAL B 216 -8.26 18.88 19.10
C VAL B 216 -9.01 18.38 20.33
N TYR B 217 -8.26 17.97 21.35
CA TYR B 217 -8.80 17.53 22.63
C TYR B 217 -8.53 18.60 23.67
N ARG B 218 -9.56 18.95 24.46
CA ARG B 218 -9.42 19.97 25.48
C ARG B 218 -10.10 19.49 26.77
N VAL B 219 -9.39 19.64 27.88
CA VAL B 219 -9.92 19.30 29.20
C VAL B 219 -9.37 20.28 30.22
N ARG B 220 -10.17 20.56 31.25
CA ARG B 220 -9.80 21.45 32.34
C ARG B 220 -9.61 20.63 33.61
N LEU B 221 -8.54 20.92 34.34
CA LEU B 221 -8.17 20.16 35.53
C LEU B 221 -7.77 21.10 36.64
N PRO B 222 -8.06 20.73 37.89
CA PRO B 222 -7.56 21.52 39.03
C PRO B 222 -6.13 21.15 39.38
N GLU B 223 -5.40 22.13 39.91
CA GLU B 223 -3.99 21.91 40.23
C GLU B 223 -3.79 20.96 41.40
N ASP B 224 -4.81 20.73 42.24
CA ASP B 224 -4.69 19.83 43.37
C ASP B 224 -4.83 18.36 42.99
N LEU B 225 -5.01 18.07 41.71
CA LEU B 225 -5.17 16.67 41.29
C LEU B 225 -3.89 15.90 41.59
N PRO B 226 -3.99 14.71 42.19
CA PRO B 226 -2.79 13.98 42.57
C PRO B 226 -2.10 13.41 41.36
N PRO B 227 -0.78 13.21 41.42
CA PRO B 227 -0.07 12.53 40.32
C PRO B 227 -0.54 11.08 40.19
N GLY B 228 -0.20 10.49 39.03
CA GLY B 228 -0.66 9.16 38.73
C GLY B 228 -2.07 9.08 38.17
N THR B 229 -2.78 10.21 38.09
CA THR B 229 -4.15 10.21 37.63
C THR B 229 -4.21 9.99 36.12
N THR B 230 -5.06 9.06 35.69
CA THR B 230 -5.30 8.84 34.26
C THR B 230 -6.03 10.05 33.70
N VAL B 231 -5.29 10.96 33.08
CA VAL B 231 -5.87 12.23 32.68
C VAL B 231 -6.83 12.07 31.51
N LEU B 232 -6.49 11.21 30.55
CA LEU B 232 -7.36 11.06 29.38
C LEU B 232 -7.13 9.71 28.74
N ARG B 233 -8.15 9.24 28.02
CA ARG B 233 -8.05 8.04 27.20
C ARG B 233 -8.30 8.45 25.75
N LEU B 234 -7.35 8.11 24.88
CA LEU B 234 -7.45 8.47 23.48
C LEU B 234 -8.10 7.36 22.67
N LYS B 235 -8.77 7.75 21.59
CA LYS B 235 -9.48 6.82 20.73
C LYS B 235 -9.07 7.08 19.29
N ALA B 236 -8.72 6.02 18.58
CA ALA B 236 -8.29 6.14 17.19
C ALA B 236 -8.58 4.82 16.48
N MET B 237 -8.68 4.90 15.16
CA MET B 237 -9.04 3.74 14.36
C MET B 237 -8.22 3.74 13.07
N ASP B 238 -7.89 2.53 12.62
CA ASP B 238 -7.22 2.31 11.34
C ASP B 238 -8.17 1.50 10.46
N GLN B 239 -8.54 2.09 9.31
CA GLN B 239 -9.48 1.41 8.43
C GLN B 239 -8.90 0.16 7.80
N ASP B 240 -7.59 -0.02 7.85
CA ASP B 240 -6.96 -1.24 7.38
C ASP B 240 -7.31 -2.40 8.32
N GLU B 241 -6.76 -3.57 8.02
CA GLU B 241 -7.00 -4.75 8.84
C GLU B 241 -5.71 -5.54 9.00
N GLY B 242 -5.60 -6.25 10.10
CA GLY B 242 -4.42 -7.05 10.38
C GLY B 242 -3.23 -6.24 10.83
N ILE B 243 -2.03 -6.64 10.39
CA ILE B 243 -0.80 -5.96 10.79
C ILE B 243 -0.87 -4.48 10.41
N ASN B 244 -1.45 -4.17 9.25
CA ASN B 244 -1.54 -2.80 8.78
C ASN B 244 -2.53 -1.96 9.58
N ALA B 245 -3.17 -2.52 10.61
CA ALA B 245 -4.12 -1.79 11.43
C ALA B 245 -3.68 -1.65 12.87
N GLU B 246 -2.51 -2.16 13.23
CA GLU B 246 -1.97 -2.02 14.58
C GLU B 246 -1.10 -0.78 14.63
N PHE B 247 -1.41 0.12 15.56
CA PHE B 247 -0.74 1.40 15.65
C PHE B 247 -0.47 1.73 17.11
N THR B 248 0.45 2.67 17.32
CA THR B 248 0.81 3.14 18.65
C THR B 248 0.75 4.66 18.68
N TYR B 249 0.54 5.18 19.89
CA TYR B 249 0.50 6.62 20.14
C TYR B 249 1.88 7.08 20.63
N SER B 250 2.25 8.29 20.25
CA SER B 250 3.55 8.84 20.61
C SER B 250 3.45 10.35 20.79
N PHE B 251 4.32 10.87 21.65
CA PHE B 251 4.41 12.31 21.87
C PHE B 251 5.26 12.94 20.78
N LEU B 252 4.61 13.64 19.84
CA LEU B 252 5.35 14.33 18.80
C LEU B 252 6.20 15.45 19.38
N GLY B 253 5.66 16.18 20.35
CA GLY B 253 6.44 17.20 21.03
C GLY B 253 7.48 16.62 21.95
N VAL B 254 8.53 17.41 22.20
CA VAL B 254 9.64 17.02 23.05
C VAL B 254 9.54 17.82 24.34
N ALA B 255 9.84 17.17 25.47
CA ALA B 255 9.80 17.70 26.84
C ALA B 255 8.39 18.07 27.28
N ASN B 256 7.39 17.96 26.40
CA ASN B 256 6.01 18.20 26.81
C ASN B 256 5.53 17.13 27.76
N LYS B 257 6.04 15.91 27.64
CA LYS B 257 5.72 14.82 28.55
C LYS B 257 6.67 14.78 29.74
N ALA B 258 7.05 15.94 30.27
CA ALA B 258 7.92 15.98 31.44
C ALA B 258 7.23 15.37 32.66
N GLN B 259 5.96 15.71 32.87
CA GLN B 259 5.17 15.12 33.94
C GLN B 259 4.10 14.16 33.43
N PHE B 260 3.97 14.00 32.12
CA PHE B 260 2.99 13.13 31.53
C PHE B 260 3.62 11.84 31.04
N SER B 261 2.84 10.76 31.12
CA SER B 261 3.23 9.46 30.59
C SER B 261 2.09 8.96 29.71
N LEU B 262 2.43 8.15 28.72
CA LEU B 262 1.43 7.65 27.77
C LEU B 262 1.59 6.15 27.58
N ASP B 263 0.49 5.42 27.79
CA ASP B 263 0.42 4.00 27.46
C ASP B 263 -0.18 3.87 26.07
N PRO B 264 0.60 3.54 25.05
CA PRO B 264 0.05 3.46 23.69
C PRO B 264 -0.84 2.26 23.45
N ILE B 265 -0.69 1.18 24.21
CA ILE B 265 -1.55 0.00 24.04
C ILE B 265 -3.00 0.36 24.38
N THR B 266 -3.22 0.97 25.54
CA THR B 266 -4.55 1.43 25.91
C THR B 266 -4.86 2.79 25.30
N GLY B 267 -3.85 3.58 24.96
CA GLY B 267 -4.04 4.94 24.53
C GLY B 267 -4.12 5.96 25.64
N ASP B 268 -3.79 5.56 26.86
CA ASP B 268 -4.01 6.43 28.01
C ASP B 268 -2.89 7.47 28.14
N ILE B 269 -3.24 8.62 28.69
CA ILE B 269 -2.28 9.65 29.06
C ILE B 269 -2.54 10.02 30.51
N VAL B 270 -1.51 9.87 31.35
CA VAL B 270 -1.58 10.12 32.77
C VAL B 270 -0.55 11.19 33.11
N THR B 271 -0.67 11.72 34.33
CA THR B 271 0.28 12.68 34.86
C THR B 271 1.06 12.06 36.01
N ARG B 272 2.38 12.29 36.03
CA ARG B 272 3.24 11.72 37.06
C ARG B 272 3.69 12.73 38.10
N GLN B 273 3.33 14.01 37.92
CA GLN B 273 3.70 15.06 38.86
C GLN B 273 2.57 16.07 38.96
N SER B 274 2.32 16.55 40.17
CA SER B 274 1.28 17.54 40.38
C SER B 274 1.60 18.83 39.63
N LEU B 275 0.56 19.58 39.31
CA LEU B 275 0.70 20.82 38.54
C LEU B 275 0.56 22.04 39.44
N ASP B 276 1.02 23.17 38.92
CA ASP B 276 0.94 24.45 39.62
C ASP B 276 0.40 25.48 38.65
N PHE B 277 -0.76 26.06 38.97
CA PHE B 277 -1.37 27.03 38.07
C PHE B 277 -0.49 28.26 37.88
N GLU B 278 0.27 28.65 38.90
CA GLU B 278 1.11 29.84 38.80
C GLU B 278 2.34 29.60 37.93
N GLU B 279 2.68 28.35 37.65
CA GLU B 279 3.81 28.05 36.77
C GLU B 279 3.39 28.13 35.30
N VAL B 280 2.54 27.20 34.87
CA VAL B 280 2.04 27.17 33.50
C VAL B 280 0.53 26.98 33.56
N GLU B 281 -0.21 27.94 32.99
CA GLU B 281 -1.67 27.90 33.07
C GLU B 281 -2.28 26.88 32.11
N GLN B 282 -1.68 26.69 30.93
CA GLN B 282 -2.24 25.81 29.92
C GLN B 282 -1.12 25.10 29.18
N TYR B 283 -1.37 23.85 28.80
CA TYR B 283 -0.41 23.04 28.09
C TYR B 283 -0.92 22.73 26.69
N THR B 284 -0.03 22.85 25.70
CA THR B 284 -0.31 22.46 24.32
C THR B 284 0.63 21.33 23.94
N ILE B 285 0.05 20.18 23.57
CA ILE B 285 0.80 18.98 23.30
C ILE B 285 0.41 18.44 21.92
N ASP B 286 1.39 17.91 21.19
CA ASP B 286 1.16 17.27 19.90
C ASP B 286 1.34 15.77 20.06
N VAL B 287 0.30 15.00 19.72
CA VAL B 287 0.32 13.54 19.83
C VAL B 287 0.08 12.97 18.43
N GLU B 288 0.89 11.98 18.06
CA GLU B 288 0.80 11.37 16.73
C GLU B 288 0.58 9.87 16.87
N ALA B 289 -0.20 9.32 15.94
CA ALA B 289 -0.43 7.89 15.86
C ALA B 289 0.31 7.34 14.64
N LYS B 290 1.05 6.25 14.84
CA LYS B 290 1.81 5.60 13.77
C LYS B 290 1.48 4.12 13.73
N ASP B 291 1.20 3.62 12.53
CA ASP B 291 0.93 2.19 12.33
C ASP B 291 2.25 1.42 12.19
N ARG B 292 2.18 0.19 11.66
CA ARG B 292 3.41 -0.56 11.42
C ARG B 292 4.24 0.08 10.33
N GLY B 293 3.60 0.68 9.33
CA GLY B 293 4.28 1.50 8.36
C GLY B 293 4.61 2.87 8.94
N SER B 294 5.03 3.76 8.04
CA SER B 294 5.36 5.13 8.41
C SER B 294 4.17 6.08 8.29
N LEU B 295 2.96 5.55 8.11
CA LEU B 295 1.77 6.38 8.07
C LEU B 295 1.49 6.93 9.46
N SER B 296 1.41 8.25 9.57
CA SER B 296 1.23 8.92 10.85
C SER B 296 0.17 10.00 10.74
N SER B 297 -0.54 10.24 11.84
CA SER B 297 -1.52 11.32 11.89
C SER B 297 -1.37 12.05 13.21
N GLN B 298 -1.53 13.38 13.17
CA GLN B 298 -1.25 14.23 14.32
C GLN B 298 -2.53 14.89 14.82
N CYS B 299 -2.68 14.93 16.13
CA CYS B 299 -3.74 15.67 16.81
C CYS B 299 -3.14 16.47 17.95
N LYS B 300 -3.79 17.59 18.28
CA LYS B 300 -3.31 18.50 19.31
C LYS B 300 -4.21 18.40 20.53
N VAL B 301 -3.61 18.16 21.69
CA VAL B 301 -4.31 18.09 22.96
C VAL B 301 -3.83 19.22 23.84
N ILE B 302 -4.75 20.12 24.21
CA ILE B 302 -4.45 21.23 25.10
C ILE B 302 -5.24 21.04 26.38
N ILE B 303 -4.60 21.33 27.51
CA ILE B 303 -5.25 21.20 28.81
C ILE B 303 -5.11 22.51 29.57
N GLU B 304 -6.12 22.82 30.37
CA GLU B 304 -6.13 24.04 31.17
C GLU B 304 -6.11 23.67 32.65
N VAL B 305 -5.34 24.41 33.43
CA VAL B 305 -5.21 24.19 34.86
C VAL B 305 -6.15 25.16 35.57
N LEU B 306 -6.83 24.68 36.61
CA LEU B 306 -7.75 25.49 37.40
C LEU B 306 -7.05 25.98 38.66
N ASP B 307 -7.17 27.28 38.92
CA ASP B 307 -6.56 27.86 40.11
C ASP B 307 -7.30 27.42 41.36
N GLU B 308 -6.55 26.97 42.36
CA GLU B 308 -7.10 26.61 43.66
C GLU B 308 -6.49 27.51 44.72
N ASN B 309 -7.28 27.90 45.71
CA ASN B 309 -6.83 28.78 46.78
C ASN B 309 -5.89 28.00 47.71
N ASP B 310 -4.67 27.79 47.23
CA ASP B 310 -3.62 27.14 48.01
C ASP B 310 -2.46 28.07 48.33
N ASN B 311 -2.60 29.36 48.02
CA ASN B 311 -1.56 30.36 48.30
C ASN B 311 -2.20 31.48 49.10
N ARG B 312 -1.77 31.62 50.36
CA ARG B 312 -2.35 32.63 51.23
C ARG B 312 -1.79 34.01 50.91
N PRO B 313 -2.54 35.08 51.20
CA PRO B 313 -2.04 36.43 50.91
C PRO B 313 -0.98 36.87 51.90
N GLU B 314 -0.01 37.63 51.41
CA GLU B 314 1.10 38.11 52.20
C GLU B 314 1.00 39.62 52.38
N ILE B 315 1.27 40.07 53.60
CA ILE B 315 1.24 41.49 53.96
C ILE B 315 2.66 42.03 53.87
N ILE B 316 2.82 43.15 53.16
CA ILE B 316 4.12 43.76 52.94
C ILE B 316 4.06 45.20 53.42
N ILE B 317 4.87 45.52 54.44
CA ILE B 317 4.94 46.87 54.97
C ILE B 317 5.99 47.63 54.17
N THR B 318 5.52 48.51 53.27
CA THR B 318 6.44 49.27 52.43
C THR B 318 7.19 50.33 53.24
N SER B 319 6.52 50.95 54.21
CA SER B 319 7.15 51.97 55.04
C SER B 319 6.41 52.07 56.36
N LEU B 320 7.12 52.57 57.37
CA LEU B 320 6.54 52.74 58.70
C LEU B 320 7.32 53.82 59.43
N SER B 321 6.63 54.49 60.36
CA SER B 321 7.17 55.59 61.15
C SER B 321 7.28 55.15 62.60
N ASP B 322 8.50 55.16 63.14
CA ASP B 322 8.69 54.76 64.53
C ASP B 322 8.27 55.87 65.48
N GLN B 323 8.78 57.07 65.29
CA GLN B 323 8.45 58.23 66.11
C GLN B 323 7.21 58.91 65.52
N ILE B 324 6.09 58.85 66.24
CA ILE B 324 4.84 59.46 65.82
C ILE B 324 4.62 60.71 66.67
N SER B 325 4.31 61.82 66.00
CA SER B 325 4.07 63.08 66.69
C SER B 325 2.78 63.03 67.50
N GLU B 326 2.84 63.61 68.71
CA GLU B 326 1.66 63.60 69.59
C GLU B 326 0.60 64.58 69.10
N ASP B 327 1.01 65.64 68.39
CA ASP B 327 0.08 66.63 67.85
C ASP B 327 -0.51 66.20 66.50
N SER B 328 -0.46 64.92 66.21
CA SER B 328 -0.91 64.43 64.91
C SER B 328 -2.41 64.69 64.75
N PRO B 329 -2.84 65.30 63.66
CA PRO B 329 -4.27 65.59 63.46
C PRO B 329 -5.00 64.34 63.01
N SER B 330 -6.33 64.47 62.90
CA SER B 330 -7.15 63.37 62.41
C SER B 330 -6.86 63.09 60.95
N GLY B 331 -6.64 61.82 60.63
CA GLY B 331 -6.39 61.42 59.26
C GLY B 331 -4.96 61.46 58.80
N THR B 332 -4.01 61.74 59.71
CA THR B 332 -2.60 61.74 59.32
C THR B 332 -2.11 60.31 59.21
N VAL B 333 -1.30 60.05 58.18
CA VAL B 333 -0.88 58.69 57.87
C VAL B 333 0.31 58.30 58.75
N VAL B 334 0.18 57.16 59.41
CA VAL B 334 1.24 56.63 60.25
C VAL B 334 1.93 55.44 59.62
N ALA B 335 1.28 54.73 58.70
CA ALA B 335 1.94 53.58 58.09
C ALA B 335 1.41 53.35 56.68
N LEU B 336 2.23 52.68 55.87
CA LEU B 336 1.87 52.31 54.51
C LEU B 336 2.23 50.85 54.28
N PHE B 337 1.33 50.13 53.59
CA PHE B 337 1.56 48.72 53.32
C PHE B 337 0.66 48.31 52.15
N LYS B 338 0.94 47.13 51.62
CA LYS B 338 0.14 46.55 50.56
C LYS B 338 0.08 45.04 50.74
N VAL B 339 -0.77 44.40 49.95
CA VAL B 339 -1.03 42.97 50.06
C VAL B 339 -0.73 42.33 48.71
N ARG B 340 -0.24 41.10 48.75
CA ARG B 340 0.12 40.38 47.54
C ARG B 340 -0.42 38.95 47.60
N ASP B 341 -1.06 38.52 46.51
CA ASP B 341 -1.63 37.18 46.42
C ASP B 341 -1.21 36.55 45.10
N ARG B 342 -0.67 35.34 45.17
CA ARG B 342 -0.20 34.66 43.96
C ARG B 342 -1.37 34.18 43.11
N ASP B 343 -2.52 33.89 43.72
CA ASP B 343 -3.66 33.35 42.99
C ASP B 343 -4.27 34.42 42.08
N SER B 344 -5.31 34.03 41.36
CA SER B 344 -5.99 34.91 40.42
C SER B 344 -7.49 34.77 40.58
N GLY B 345 -8.22 35.79 40.13
CA GLY B 345 -9.67 35.76 40.16
C GLY B 345 -10.22 36.14 41.53
N GLU B 346 -11.33 35.48 41.90
CA GLU B 346 -11.89 35.70 43.23
C GLU B 346 -10.98 35.15 44.32
N ASN B 347 -10.17 34.13 43.99
CA ASN B 347 -9.19 33.62 44.94
C ASN B 347 -8.05 34.61 45.17
N ALA B 348 -8.01 35.71 44.43
CA ALA B 348 -7.00 36.74 44.61
C ALA B 348 -7.51 37.94 45.39
N GLU B 349 -8.81 38.23 45.31
CA GLU B 349 -9.37 39.35 46.06
C GLU B 349 -9.23 39.09 47.56
N VAL B 350 -9.01 40.17 48.32
CA VAL B 350 -8.67 40.07 49.73
C VAL B 350 -9.59 40.98 50.55
N MET B 351 -9.83 40.57 51.79
CA MET B 351 -10.51 41.39 52.78
C MET B 351 -9.67 41.34 54.05
N CYS B 352 -9.27 42.51 54.54
CA CYS B 352 -8.36 42.60 55.68
C CYS B 352 -8.97 43.52 56.74
N SER B 353 -8.60 43.26 58.00
CA SER B 353 -9.15 44.04 59.10
C SER B 353 -8.13 44.08 60.24
N LEU B 354 -8.27 45.10 61.08
CA LEU B 354 -7.42 45.30 62.24
C LEU B 354 -8.24 45.11 63.51
N SER B 355 -7.56 45.19 64.65
CA SER B 355 -8.21 44.95 65.94
C SER B 355 -9.33 45.94 66.20
N GLY B 356 -9.06 47.23 65.97
CA GLY B 356 -10.04 48.27 66.18
C GLY B 356 -9.97 48.95 67.55
N ASN B 357 -9.23 48.38 68.50
CA ASN B 357 -9.05 49.04 69.79
C ASN B 357 -8.30 50.36 69.64
N ASN B 358 -7.30 50.39 68.75
CA ASN B 358 -6.57 51.61 68.48
C ASN B 358 -7.48 52.61 67.77
N PRO B 359 -7.15 53.90 67.82
CA PRO B 359 -7.85 54.87 66.98
C PRO B 359 -7.55 54.73 65.51
N PHE B 360 -6.52 53.96 65.13
CA PHE B 360 -6.12 53.87 63.74
C PHE B 360 -7.25 53.31 62.87
N LYS B 361 -7.34 53.84 61.65
CA LYS B 361 -8.24 53.35 60.62
C LYS B 361 -7.47 53.25 59.31
N ILE B 362 -7.92 52.33 58.46
CA ILE B 362 -7.28 52.05 57.17
C ILE B 362 -8.25 52.42 56.07
N HIS B 363 -7.88 53.41 55.25
CA HIS B 363 -8.63 53.75 54.05
C HIS B 363 -7.80 53.37 52.83
N SER B 364 -8.51 53.01 51.75
CA SER B 364 -7.89 52.39 50.59
C SER B 364 -7.58 53.42 49.51
N SER B 365 -6.31 53.45 49.09
CA SER B 365 -5.88 54.24 47.95
C SER B 365 -5.93 53.35 46.70
N SER B 366 -5.43 53.84 45.57
CA SER B 366 -5.36 53.03 44.36
C SER B 366 -4.50 51.78 44.60
N ASN B 367 -4.65 50.81 43.70
CA ASN B 367 -4.03 49.50 43.81
C ASN B 367 -4.58 48.83 45.07
N ASN B 368 -3.80 47.97 45.72
CA ASN B 368 -4.21 47.31 46.96
C ASN B 368 -3.55 47.92 48.18
N TYR B 369 -3.09 49.16 48.07
CA TYR B 369 -2.48 49.84 49.21
C TYR B 369 -3.57 50.39 50.11
N TYR B 370 -3.46 50.12 51.40
CA TYR B 370 -4.43 50.60 52.37
C TYR B 370 -3.62 51.49 53.31
N LYS B 371 -3.85 52.79 53.23
CA LYS B 371 -3.00 53.70 53.98
C LYS B 371 -3.50 53.76 55.41
N LEU B 372 -2.59 53.54 56.34
CA LEU B 372 -2.93 53.47 57.75
C LEU B 372 -2.78 54.85 58.38
N VAL B 373 -3.92 55.44 58.74
CA VAL B 373 -4.00 56.77 59.32
C VAL B 373 -4.68 56.64 60.68
N THR B 374 -4.58 57.69 61.48
CA THR B 374 -5.32 57.76 62.74
C THR B 374 -6.53 58.66 62.58
N ASP B 375 -7.71 58.15 62.97
CA ASP B 375 -8.94 58.93 62.83
C ASP B 375 -9.19 59.86 64.01
N SER B 376 -8.59 59.59 65.16
CA SER B 376 -8.81 60.39 66.37
C SER B 376 -7.48 60.70 67.02
N ILE B 377 -7.45 61.79 67.77
CA ILE B 377 -6.25 62.22 68.49
C ILE B 377 -6.05 61.34 69.73
N LEU B 378 -4.80 61.02 70.01
CA LEU B 378 -4.41 60.24 71.18
C LEU B 378 -3.40 61.04 71.99
N ASP B 379 -3.38 60.80 73.29
CA ASP B 379 -2.43 61.44 74.20
C ASP B 379 -1.48 60.40 74.76
N ARG B 380 -0.21 60.78 74.88
CA ARG B 380 0.81 59.82 75.32
C ARG B 380 0.68 59.49 76.81
N GLU B 381 0.22 60.44 77.62
CA GLU B 381 0.07 60.18 79.05
C GLU B 381 -0.89 59.02 79.30
N GLN B 382 -1.92 58.89 78.48
CA GLN B 382 -2.85 57.78 78.60
C GLN B 382 -2.20 56.46 78.20
N THR B 383 -1.65 56.40 76.99
CA THR B 383 -0.95 55.20 76.52
C THR B 383 0.18 55.60 75.58
N PRO B 384 1.43 55.26 75.91
CA PRO B 384 2.56 55.64 75.05
C PRO B 384 2.73 54.80 73.80
N GLY B 385 2.43 53.51 73.87
CA GLY B 385 2.67 52.63 72.74
C GLY B 385 1.57 51.64 72.45
N TYR B 386 1.36 51.36 71.16
CA TYR B 386 0.32 50.44 70.70
C TYR B 386 0.94 49.26 69.96
N ASN B 387 0.43 48.07 70.25
CA ASN B 387 0.64 46.89 69.43
C ASN B 387 -0.57 46.72 68.52
N VAL B 388 -0.33 46.63 67.21
CA VAL B 388 -1.41 46.52 66.24
C VAL B 388 -1.23 45.20 65.51
N THR B 389 -2.30 44.41 65.46
CA THR B 389 -2.32 43.16 64.71
C THR B 389 -3.31 43.29 63.55
N ILE B 390 -2.82 43.18 62.32
CA ILE B 390 -3.66 43.28 61.14
C ILE B 390 -3.73 41.91 60.49
N THR B 391 -4.95 41.48 60.17
CA THR B 391 -5.21 40.18 59.58
C THR B 391 -5.70 40.35 58.15
N ALA B 392 -5.16 39.54 57.24
CA ALA B 392 -5.57 39.56 55.83
C ALA B 392 -6.15 38.21 55.48
N THR B 393 -7.43 38.20 55.08
CA THR B 393 -8.15 36.99 54.76
C THR B 393 -8.51 36.97 53.29
N ASP B 394 -8.46 35.78 52.68
CA ASP B 394 -8.77 35.62 51.27
C ASP B 394 -10.29 35.70 51.05
N ARG B 395 -10.70 35.63 49.78
CA ARG B 395 -12.10 35.65 49.40
C ARG B 395 -12.52 34.38 48.68
N GLY B 396 -11.60 33.43 48.50
CA GLY B 396 -11.91 32.16 47.88
C GLY B 396 -12.03 31.06 48.91
N LYS B 397 -12.70 29.98 48.52
CA LYS B 397 -12.91 28.85 49.41
C LYS B 397 -11.75 27.86 49.37
N PRO B 398 -11.19 27.51 50.54
CA PRO B 398 -11.50 28.12 51.84
C PRO B 398 -10.58 29.30 52.14
N PRO B 399 -11.12 30.34 52.78
CA PRO B 399 -10.34 31.56 53.00
C PRO B 399 -9.05 31.28 53.76
N LEU B 400 -7.95 31.85 53.26
CA LEU B 400 -6.64 31.73 53.88
C LEU B 400 -6.26 33.09 54.47
N SER B 401 -5.88 33.08 55.74
CA SER B 401 -5.61 34.31 56.50
C SER B 401 -4.18 34.32 57.02
N SER B 402 -3.51 35.45 56.83
CA SER B 402 -2.18 35.70 57.38
C SER B 402 -2.17 37.07 58.04
N SER B 403 -1.57 37.16 59.21
CA SER B 403 -1.58 38.40 60.00
C SER B 403 -0.17 38.84 60.34
N THR B 404 -0.02 40.14 60.55
CA THR B 404 1.25 40.73 60.95
C THR B 404 1.02 41.69 62.12
N THR B 405 1.99 41.73 63.03
CA THR B 405 1.93 42.60 64.20
C THR B 405 3.01 43.66 64.10
N ILE B 406 2.59 44.92 64.10
CA ILE B 406 3.50 46.06 64.06
C ILE B 406 3.35 46.86 65.35
N THR B 407 4.43 47.48 65.77
CA THR B 407 4.47 48.28 66.99
C THR B 407 4.58 49.76 66.61
N LEU B 408 3.72 50.58 67.20
CA LEU B 408 3.73 52.02 66.98
C LEU B 408 3.96 52.73 68.31
N ASN B 409 4.81 53.76 68.26
CA ASN B 409 5.23 54.51 69.44
C ASN B 409 4.96 55.99 69.24
N VAL B 410 4.66 56.67 70.33
CA VAL B 410 4.34 58.08 70.33
C VAL B 410 5.43 58.84 71.09
N ALA B 411 5.85 59.97 70.54
CA ALA B 411 6.89 60.80 71.11
C ALA B 411 6.37 62.22 71.32
N ASP B 412 6.74 62.82 72.44
CA ASP B 412 6.28 64.15 72.81
C ASP B 412 7.37 65.16 72.48
N VAL B 413 7.01 66.16 71.67
CA VAL B 413 7.98 67.16 71.23
C VAL B 413 8.41 68.05 72.39
N ASN B 414 7.54 68.25 73.37
CA ASN B 414 7.86 69.08 74.53
C ASN B 414 8.98 68.47 75.36
C1 NAG C . 3.24 44.16 72.86
C2 NAG C . 4.00 45.29 73.60
C3 NAG C . 4.96 44.73 74.67
C4 NAG C . 4.27 43.71 75.56
C5 NAG C . 3.65 42.64 74.68
C6 NAG C . 2.95 41.54 75.43
C7 NAG C . 5.69 45.95 71.82
C8 NAG C . 6.20 44.54 71.72
N2 NAG C . 4.69 46.21 72.69
O3 NAG C . 5.47 45.80 75.46
O4 NAG C . 5.22 43.10 76.43
O5 NAG C . 2.67 43.26 73.82
O6 NAG C . 2.02 40.86 74.60
O7 NAG C . 6.16 46.84 71.12
C1 FUC C . 2.58 39.70 73.92
C2 FUC C . 2.02 39.66 72.48
C3 FUC C . 2.87 40.51 71.55
C4 FUC C . 4.27 39.95 71.50
C5 FUC C . 4.90 39.98 72.91
C6 FUC C . 6.18 39.16 73.01
O2 FUC C . 0.65 40.05 72.44
O4 FUC C . 4.24 38.61 71.02
O5 FUC C . 4.01 39.50 73.99
C1 MAN D . 14.52 35.62 6.80
C2 MAN D . 16.05 35.74 6.62
C3 MAN D . 16.49 37.19 6.82
C4 MAN D . 15.63 38.15 5.98
C5 MAN D . 14.14 37.92 6.24
C6 MAN D . 13.24 38.75 5.35
O2 MAN D . 16.46 35.39 5.29
O3 MAN D . 17.87 37.35 6.52
O4 MAN D . 15.95 39.50 6.31
O5 MAN D . 13.82 36.53 5.99
O6 MAN D . 11.90 38.61 5.80
C1 MAN E . 18.80 29.14 8.45
C2 MAN E . 19.85 28.83 9.52
C3 MAN E . 20.18 30.07 10.36
C4 MAN E . 20.44 31.29 9.46
C5 MAN E . 19.25 31.51 8.52
C6 MAN E . 19.45 32.67 7.56
O2 MAN E . 21.08 28.41 8.94
O3 MAN E . 21.29 29.86 11.23
O4 MAN E . 20.65 32.46 10.24
O5 MAN E . 19.08 30.31 7.72
O6 MAN E . 18.18 33.05 7.06
C1 MAN F . 16.90 -54.30 -39.51
C2 MAN F . 17.22 -55.26 -38.34
C3 MAN F . 17.92 -54.52 -37.20
C4 MAN F . 19.09 -53.65 -37.73
C5 MAN F . 18.57 -52.71 -38.83
C6 MAN F . 19.66 -51.86 -39.44
O2 MAN F . 18.14 -56.30 -38.75
O3 MAN F . 18.39 -55.42 -36.20
O4 MAN F . 19.64 -52.88 -36.67
O5 MAN F . 18.00 -53.51 -39.89
O6 MAN F . 19.05 -51.01 -40.41
C1 MAN G . 13.33 -60.16 -39.34
C2 MAN G . 12.43 -61.42 -39.21
C3 MAN G . 11.65 -61.43 -37.87
C4 MAN G . 12.56 -61.10 -36.68
C5 MAN G . 13.30 -59.77 -36.94
C6 MAN G . 14.26 -59.41 -35.83
O2 MAN G . 13.20 -62.62 -39.22
O3 MAN G . 10.97 -62.66 -37.67
O4 MAN G . 11.81 -60.98 -35.49
O5 MAN G . 14.07 -59.88 -38.17
O6 MAN G . 14.87 -58.17 -36.15
CA CA H . 14.02 41.14 25.81
CA CA I . 11.30 41.78 23.00
CA CA J . 10.44 38.49 17.18
CA CA K . 7.66 3.01 -6.43
CA CA L . 8.06 0.84 -3.43
CA CA M . 6.45 -5.89 -4.39
CA CA N . 7.82 -41.79 -29.03
CA CA O . 9.06 -40.35 -31.54
CA CA P . 9.95 -44.57 -36.79
C1 MAN Q . -22.97 -16.90 -25.07
C2 MAN Q . -24.24 -17.54 -24.47
C3 MAN Q . -25.10 -18.13 -25.60
C4 MAN Q . -25.31 -17.11 -26.72
C5 MAN Q . -23.96 -16.56 -27.21
C6 MAN Q . -24.11 -15.46 -28.22
O2 MAN Q . -25.07 -16.55 -23.84
O3 MAN Q . -26.34 -18.60 -25.10
O4 MAN Q . -25.97 -17.73 -27.82
O5 MAN Q . -23.26 -16.00 -26.09
O6 MAN Q . -23.88 -14.22 -27.56
C1 MAN R . -22.65 -19.38 -17.96
C2 MAN R . -23.25 -20.82 -17.90
C3 MAN R . -23.82 -21.23 -19.27
C4 MAN R . -24.71 -20.14 -19.87
C5 MAN R . -23.92 -18.83 -19.94
C6 MAN R . -24.72 -17.66 -20.49
O2 MAN R . -24.36 -20.87 -17.00
O3 MAN R . -24.54 -22.46 -19.19
O4 MAN R . -25.14 -20.50 -21.17
O5 MAN R . -23.49 -18.46 -18.61
O6 MAN R . -23.88 -16.51 -20.51
C1 MAN S . -7.45 33.33 59.57
C2 MAN S . -6.95 31.94 60.05
C3 MAN S . -7.62 30.81 59.27
C4 MAN S . -9.14 30.99 59.22
C5 MAN S . -9.46 32.35 58.57
C6 MAN S . -10.95 32.61 58.52
O2 MAN S . -7.27 31.70 61.42
O3 MAN S . -7.30 29.52 59.81
O4 MAN S . -9.75 29.96 58.47
O5 MAN S . -8.86 33.40 59.36
O6 MAN S . -11.14 33.95 58.04
C1 MAN T . -2.73 36.99 63.21
C2 MAN T . -1.84 36.40 64.32
C3 MAN T . -1.48 34.93 64.00
C4 MAN T . -2.71 34.14 63.52
C5 MAN T . -3.40 34.87 62.38
C6 MAN T . -4.65 34.17 61.88
O2 MAN T . -2.52 36.38 65.58
O3 MAN T . -0.88 34.29 65.11
O4 MAN T . -2.31 32.84 63.07
O5 MAN T . -3.80 36.17 62.85
O6 MAN T . -5.69 34.41 62.81
CA CA U . -16.95 -33.99 -32.50
CA CA V . -16.55 -30.54 -33.85
CA CA W . -17.03 -24.74 -30.53
CA CA X . -8.26 2.46 1.10
CA CA Y . -6.36 -0.56 2.85
CA CA Z . -2.49 1.56 8.39
CA CA AA . -0.32 25.83 43.57
CA CA BA . -2.96 28.38 42.78
CA CA CA . -5.02 33.31 47.45
#